data_8JIM
#
_entry.id   8JIM
#
_cell.length_a   1.00
_cell.length_b   1.00
_cell.length_c   1.00
_cell.angle_alpha   90.00
_cell.angle_beta   90.00
_cell.angle_gamma   90.00
#
_symmetry.space_group_name_H-M   'P 1'
#
loop_
_entity.id
_entity.type
_entity.pdbx_description
1 polymer 'Guanine nucleotide-binding protein G(I)/G(S)/G(T) subunit beta-1'
2 polymer 'Guanine nucleotide-binding protein G(I)/G(S)/G(O) subunit gamma-2'
3 polymer 'Guanine nucleotide-binding protein G(i) subunit alpha-1'
4 polymer scFv16
5 polymer 'Hydroxycarboxylic acid receptor 2'
6 non-polymer '(2Z)-4-methoxy-4-oxobut-2-enoic acid'
7 non-polymer CHOLESTEROL
8 water water
#
loop_
_entity_poly.entity_id
_entity_poly.type
_entity_poly.pdbx_seq_one_letter_code
_entity_poly.pdbx_strand_id
1 'polypeptide(L)'
;MHHHHLEVLFQGPGSSGSELDQLRQEAEQLKNQIRDARKACADATLSQITNNIDPVGRIQMRTRRTLRGHLAKIYAMHWG
TDSRLLVSASQDGKLIIWDSYTTNKVHAIPLRSSWVMTCAYAPSGNYVACGGLDNICSIYNLKTREGNVRVSRELAGHTG
YLSCCRFLDDNQIVTSSGDTTCALWDIETGQQTTTFTGHTGDVMSLSLAPDTRLFVSGACDASAKLWDVREGMCRQTFTG
HESDINAICFFPNGNAFATGSDDATCRLFDLRADQELMTYSHDNIICGITSVSFSKSGRLLLAGYDDFNCNVWDALKADR
AGVLAGHDNRVSCLGVTDDGMAVATGSWDSFLKIWN
;
B
2 'polypeptide(L)' MASNNTASIAQARKLVEQLKMEANIDRIKVSKAAADLMAYCEAHAKEDPLLTPVPASENPFREKKFFCAIL C
3 'polypeptide(L)'
;MGCTLSAEDKAAVERSKMIDRNLREDGEKAAREVKLLLLGAGESGKNTIVKQMKIIHEAGYSEEECKQYKAVVYSNTIQS
IIAIIRAMGRLKIDFGDSARADDARQLFVLAGAAEEGFMTAELAGVIKRLWKDSGVQACFNRSREYQLNDSAAYYLNDLD
RIAQPNYIPTQQDVLRTRVKTTGIVETHFTFKDLHFKMFDVGAQRSERKKWIHCFEGVTAIIFCVALSDYDLVLAEDEEM
NRMHASMKLFDSICNNKWFTDTSIILFLNKKDLFEEKIKKSPLTICYPEYAGSNTYEEAAAYIQCQFEDLNKRKDTKEIY
THFTCSTDTKNVQFVFDAVTDVIIKNNLKDCGLF
;
D
4 'polypeptide(L)'
;DVQLVESGGGLVQPGGSRKLSCSASGFAFSSFGMHWVRQAPEKGLEWVAYISSGSGTIYYADTVKGRFTISRDDPKNTLF
LQMTSLRSEDTAMYYCVRSIYYYGSSPFDFWGQGTTLTVSSGGGGSGGGGSGGGGSDIVMTQATSSVPVTPGESVSISCR
SSKSLLHSNGNTYLYWFLQRPGQSPQLLIYRMSNLASGVPDRFSGSGSGTAFTLTISRLEAEDVGVYYCMQHLEYPLTFG
AGTKLELKAAAENLYFQGHHHHHHHH
;
S
5 'polypeptide(L)'
;MKTIIALSYIFCLVFADYKDDDDAHHHHHHHHHHMNRHHLQDHFLEIDKKNCCVFRDDFIVKVLPPVLGLEFIFGLLGNG
LALWIFCFHLKSWKSSRIFLFNLAVADFLLIICLPFLMDNYVRRWDWKFGDIPCRLMLFMLAMNRQGSIIFLTVVAVDRY
FRVVHPHHALNKISNRTAAIISCLLWGITIGLTVHLLKKKMPIQNGGANLCSSFSICHTFQWHEAMFLLEFFLPLGIILF
CSARIIWSLRQRQMDRHAKIKRAITFIMVVAIVFVICFLPSVVVRIRIFWLLHTSGTQNCEVYRSVDLAFFITLSFTYMN
SMLDPVVYYFSSPSFPNFFSTLINRCLQRKMTGEPDNNRSTSVELTGDPNKTRGAPEALMANSGEPWSPSYLGPTSP
;
E
#
loop_
_chem_comp.id
_chem_comp.type
_chem_comp.name
_chem_comp.formula
AW9 non-polymer '(2Z)-4-methoxy-4-oxobut-2-enoic acid' 'C5 H6 O4'
CLR non-polymer CHOLESTEROL 'C27 H46 O'
#
# COMPACT_ATOMS: atom_id res chain seq x y z
N GLY A 17 54.59 -13.10 6.25
CA GLY A 17 55.43 -14.07 6.91
C GLY A 17 55.88 -13.63 8.30
N SER A 18 57.14 -13.25 8.42
CA SER A 18 57.66 -12.79 9.71
C SER A 18 57.00 -11.47 10.12
N GLU A 19 56.97 -10.50 9.20
CA GLU A 19 56.33 -9.22 9.51
C GLU A 19 54.84 -9.40 9.75
N LEU A 20 54.18 -10.26 8.95
CA LEU A 20 52.77 -10.54 9.17
C LEU A 20 52.54 -11.19 10.53
N ASP A 21 53.39 -12.15 10.90
CA ASP A 21 53.22 -12.81 12.20
C ASP A 21 53.41 -11.83 13.35
N GLN A 22 54.45 -10.99 13.27
CA GLN A 22 54.67 -10.01 14.33
C GLN A 22 53.54 -9.00 14.41
N LEU A 23 53.00 -8.56 13.26
CA LEU A 23 51.90 -7.61 13.28
C LEU A 23 50.64 -8.24 13.87
N ARG A 24 50.34 -9.48 13.49
CA ARG A 24 49.17 -10.16 14.06
C ARG A 24 49.33 -10.35 15.56
N GLN A 25 50.53 -10.73 16.02
CA GLN A 25 50.74 -10.96 17.44
C GLN A 25 50.61 -9.66 18.23
N GLU A 26 51.17 -8.57 17.70
CA GLU A 26 51.07 -7.30 18.41
C GLU A 26 49.63 -6.79 18.40
N ALA A 27 48.89 -7.03 17.31
CA ALA A 27 47.48 -6.66 17.30
C ALA A 27 46.69 -7.45 18.33
N GLU A 28 46.99 -8.74 18.47
CA GLU A 28 46.30 -9.54 19.49
C GLU A 28 46.64 -9.04 20.89
N GLN A 29 47.91 -8.67 21.12
CA GLN A 29 48.29 -8.11 22.42
C GLN A 29 47.56 -6.82 22.70
N LEU A 30 47.43 -5.95 21.69
CA LEU A 30 46.70 -4.69 21.88
C LEU A 30 45.22 -4.93 22.12
N LYS A 31 44.63 -5.91 21.44
CA LYS A 31 43.24 -6.26 21.69
C LYS A 31 43.05 -6.73 23.13
N ASN A 32 43.95 -7.58 23.61
CA ASN A 32 43.87 -8.04 24.99
C ASN A 32 44.04 -6.88 25.96
N GLN A 33 44.94 -5.95 25.65
CA GLN A 33 45.15 -4.80 26.52
C GLN A 33 43.90 -3.91 26.56
N ILE A 34 43.25 -3.71 25.41
CA ILE A 34 42.02 -2.94 25.37
C ILE A 34 40.95 -3.63 26.21
N ARG A 35 40.81 -4.94 26.07
CA ARG A 35 39.79 -5.66 26.85
C ARG A 35 40.07 -5.55 28.35
N ASP A 36 41.35 -5.67 28.75
CA ASP A 36 41.68 -5.55 30.16
C ASP A 36 41.41 -4.14 30.70
N ALA A 37 41.74 -3.11 29.91
CA ALA A 37 41.52 -1.74 30.36
C ALA A 37 40.04 -1.38 30.34
N ARG A 38 39.23 -2.08 29.55
CA ARG A 38 37.79 -1.94 29.66
C ARG A 38 37.25 -2.68 30.88
N LYS A 39 37.85 -3.80 31.23
CA LYS A 39 37.49 -4.56 32.41
C LYS A 39 37.84 -3.84 33.71
N ALA A 40 38.88 -3.02 33.70
CA ALA A 40 39.35 -2.40 34.95
C ALA A 40 38.44 -1.27 35.42
N CYS A 41 37.69 -0.64 34.51
CA CYS A 41 36.92 0.56 34.85
C CYS A 41 35.50 0.24 35.29
N ALA A 42 35.16 -1.03 35.49
CA ALA A 42 33.81 -1.42 35.87
C ALA A 42 33.78 -1.80 37.34
N ASP A 43 32.87 -1.16 38.09
CA ASP A 43 32.69 -1.45 39.50
C ASP A 43 31.27 -1.86 39.85
N ALA A 44 30.24 -1.20 39.30
CA ALA A 44 28.86 -1.54 39.59
C ALA A 44 28.03 -1.38 38.33
N THR A 45 27.24 -2.40 38.00
CA THR A 45 26.41 -2.34 36.81
C THR A 45 25.34 -1.26 36.98
N LEU A 46 24.73 -0.86 35.87
CA LEU A 46 23.70 0.15 35.95
C LEU A 46 22.45 -0.41 36.63
N SER A 47 22.33 -1.73 36.68
CA SER A 47 21.19 -2.36 37.34
C SER A 47 21.26 -2.22 38.86
N GLN A 48 22.42 -2.50 39.45
CA GLN A 48 22.58 -2.31 40.89
C GLN A 48 22.35 -0.86 41.27
N ILE A 49 22.81 0.07 40.45
CA ILE A 49 22.71 1.49 40.77
C ILE A 49 21.24 1.94 40.72
N THR A 50 20.49 1.45 39.74
CA THR A 50 19.10 1.84 39.52
C THR A 50 18.11 0.96 40.28
N ASN A 51 18.52 0.33 41.37
CA ASN A 51 17.61 -0.50 42.15
C ASN A 51 16.75 0.30 43.12
N ASN A 52 16.58 1.60 42.90
CA ASN A 52 15.92 2.47 43.86
C ASN A 52 14.61 3.05 43.35
N ILE A 53 14.64 3.68 42.17
CA ILE A 53 13.46 4.42 41.72
C ILE A 53 12.33 3.46 41.35
N ASP A 54 11.11 3.97 41.49
CA ASP A 54 9.92 3.15 41.23
C ASP A 54 9.67 3.01 39.73
N PRO A 55 9.11 1.89 39.30
CA PRO A 55 8.89 1.68 37.87
C PRO A 55 7.81 2.59 37.32
N VAL A 56 7.93 2.90 36.03
CA VAL A 56 6.83 3.51 35.32
C VAL A 56 5.66 2.54 35.30
N GLY A 57 4.44 3.09 35.27
CA GLY A 57 3.28 2.27 35.14
C GLY A 57 3.18 1.65 33.77
N ARG A 58 2.36 0.60 33.66
CA ARG A 58 2.16 -0.07 32.39
C ARG A 58 1.63 0.92 31.35
N ILE A 59 2.32 1.00 30.22
CA ILE A 59 2.04 2.00 29.20
C ILE A 59 0.92 1.49 28.31
N GLN A 60 -0.19 2.22 28.29
CA GLN A 60 -1.35 1.88 27.48
C GLN A 60 -1.39 2.87 26.31
N MET A 61 -0.88 2.44 25.16
CA MET A 61 -0.89 3.23 23.94
C MET A 61 -1.93 2.64 23.02
N ARG A 62 -2.66 3.49 22.30
CA ARG A 62 -3.64 3.03 21.34
C ARG A 62 -3.54 3.84 20.05
N THR A 63 -3.94 3.20 18.95
CA THR A 63 -3.77 3.76 17.62
C THR A 63 -4.69 4.95 17.41
N ARG A 64 -4.15 6.01 16.82
CA ARG A 64 -4.90 7.22 16.55
C ARG A 64 -5.18 7.41 15.07
N ARG A 65 -4.15 7.36 14.22
CA ARG A 65 -4.33 7.40 12.78
C ARG A 65 -3.91 6.06 12.17
N THR A 66 -4.27 5.90 10.91
CA THR A 66 -3.82 4.76 10.12
C THR A 66 -3.74 5.25 8.67
N LEU A 67 -2.55 5.16 8.09
CA LEU A 67 -2.26 5.83 6.84
C LEU A 67 -2.10 4.79 5.74
N ARG A 68 -3.02 4.76 4.80
CA ARG A 68 -3.11 3.68 3.83
C ARG A 68 -3.09 4.23 2.41
N GLY A 69 -2.56 3.42 1.49
CA GLY A 69 -2.32 3.86 0.14
C GLY A 69 -1.10 3.25 -0.52
N HIS A 70 -0.25 2.60 0.26
CA HIS A 70 0.86 1.84 -0.30
C HIS A 70 0.39 0.46 -0.73
N LEU A 71 0.83 0.02 -1.91
CA LEU A 71 0.38 -1.23 -2.50
C LEU A 71 1.39 -2.37 -2.35
N ALA A 72 2.48 -2.15 -1.62
CA ALA A 72 3.48 -3.18 -1.42
C ALA A 72 4.15 -2.98 -0.08
N LYS A 73 5.21 -3.75 0.18
CA LYS A 73 5.85 -3.74 1.48
C LYS A 73 6.57 -2.42 1.73
N ILE A 74 6.45 -1.90 2.95
CA ILE A 74 7.02 -0.61 3.32
C ILE A 74 8.36 -0.84 3.98
N TYR A 75 9.41 -0.16 3.49
CA TYR A 75 10.77 -0.43 3.92
C TYR A 75 11.39 0.65 4.78
N ALA A 76 10.96 1.90 4.67
CA ALA A 76 11.53 2.95 5.49
C ALA A 76 10.54 4.08 5.67
N MET A 77 10.72 4.84 6.75
CA MET A 77 10.00 6.07 6.99
C MET A 77 10.89 7.00 7.79
N HIS A 78 10.59 8.30 7.73
CA HIS A 78 11.34 9.29 8.47
C HIS A 78 10.43 10.46 8.85
N TRP A 79 10.46 10.83 10.13
CA TRP A 79 9.68 11.96 10.63
C TRP A 79 10.35 13.27 10.23
N GLY A 80 9.53 14.26 9.86
CA GLY A 80 10.03 15.61 9.63
C GLY A 80 10.44 16.28 10.92
N THR A 81 10.99 17.50 10.82
CA THR A 81 11.49 18.16 12.01
C THR A 81 10.49 19.13 12.63
N ASP A 82 9.38 19.41 11.94
CA ASP A 82 8.27 20.13 12.58
C ASP A 82 7.29 19.20 13.27
N SER A 83 7.48 17.88 13.14
CA SER A 83 6.70 16.87 13.85
C SER A 83 5.27 16.79 13.32
N ARG A 84 5.07 17.09 12.05
CA ARG A 84 3.74 17.01 11.47
C ARG A 84 3.75 16.26 10.15
N LEU A 85 4.88 16.27 9.43
CA LEU A 85 5.01 15.63 8.14
C LEU A 85 6.00 14.48 8.21
N LEU A 86 5.70 13.41 7.47
CA LEU A 86 6.60 12.27 7.35
C LEU A 86 6.63 11.78 5.92
N VAL A 87 7.61 10.95 5.61
CA VAL A 87 7.82 10.38 4.28
C VAL A 87 7.93 8.87 4.42
N SER A 88 7.45 8.13 3.43
CA SER A 88 7.56 6.69 3.43
C SER A 88 7.90 6.17 2.04
N ALA A 89 8.57 5.02 2.01
CA ALA A 89 9.05 4.37 0.79
C ALA A 89 8.68 2.90 0.77
N SER A 90 8.22 2.42 -0.38
CA SER A 90 7.82 1.02 -0.55
C SER A 90 8.33 0.50 -1.88
N GLN A 91 8.29 -0.82 -2.03
CA GLN A 91 8.72 -1.51 -3.24
C GLN A 91 7.81 -1.26 -4.43
N ASP A 92 6.67 -0.59 -4.22
CA ASP A 92 5.80 -0.23 -5.33
C ASP A 92 6.52 0.69 -6.31
N GLY A 93 7.48 1.46 -5.85
CA GLY A 93 8.14 2.45 -6.68
C GLY A 93 7.74 3.87 -6.41
N LYS A 94 7.05 4.15 -5.30
CA LYS A 94 6.60 5.49 -4.98
C LYS A 94 7.15 5.91 -3.63
N LEU A 95 7.25 7.23 -3.46
CA LEU A 95 7.69 7.85 -2.21
C LEU A 95 6.62 8.87 -1.83
N ILE A 96 6.01 8.70 -0.66
CA ILE A 96 4.81 9.49 -0.34
C ILE A 96 5.07 10.34 0.89
N ILE A 97 4.59 11.58 0.85
CA ILE A 97 4.75 12.54 1.94
C ILE A 97 3.37 12.77 2.56
N TRP A 98 3.22 12.41 3.83
CA TRP A 98 1.92 12.41 4.49
C TRP A 98 1.76 13.67 5.34
N ASP A 99 0.66 13.71 6.09
CA ASP A 99 0.33 14.83 6.98
C ASP A 99 -0.44 14.20 8.14
N SER A 100 0.25 13.97 9.26
CA SER A 100 -0.27 13.11 10.29
C SER A 100 -1.57 13.63 10.89
N TYR A 101 -1.68 14.93 11.09
CA TYR A 101 -2.83 15.49 11.79
C TYR A 101 -4.13 15.23 11.02
N THR A 102 -4.10 15.36 9.70
CA THR A 102 -5.30 15.25 8.90
C THR A 102 -5.31 14.03 7.99
N THR A 103 -4.21 13.26 7.94
CA THR A 103 -4.05 12.02 7.20
C THR A 103 -3.85 12.25 5.69
N ASN A 104 -3.95 13.50 5.22
CA ASN A 104 -3.88 13.78 3.79
C ASN A 104 -2.51 13.43 3.23
N LYS A 105 -2.44 13.40 1.89
CA LYS A 105 -1.20 13.22 1.17
C LYS A 105 -0.81 14.52 0.50
N VAL A 106 0.44 14.94 0.68
CA VAL A 106 0.94 16.16 0.10
C VAL A 106 1.59 15.91 -1.25
N HIS A 107 2.51 14.95 -1.31
CA HIS A 107 3.24 14.64 -2.52
C HIS A 107 3.34 13.13 -2.70
N ALA A 108 3.37 12.69 -3.96
CA ALA A 108 3.66 11.31 -4.32
C ALA A 108 4.67 11.33 -5.46
N ILE A 109 5.86 10.81 -5.21
CA ILE A 109 7.01 10.93 -6.09
C ILE A 109 7.26 9.57 -6.75
N PRO A 110 7.19 9.47 -8.08
CA PRO A 110 7.61 8.24 -8.76
C PRO A 110 9.13 8.10 -8.74
N LEU A 111 9.58 6.85 -8.88
CA LEU A 111 11.00 6.52 -8.85
C LEU A 111 11.39 5.84 -10.14
N ARG A 112 12.66 5.99 -10.52
CA ARG A 112 13.16 5.32 -11.71
C ARG A 112 13.53 3.86 -11.47
N SER A 113 13.70 3.46 -10.22
CA SER A 113 13.98 2.08 -9.86
C SER A 113 13.24 1.76 -8.56
N SER A 114 12.53 0.64 -8.54
CA SER A 114 11.62 0.35 -7.45
C SER A 114 12.23 -0.52 -6.36
N TRP A 115 13.55 -0.72 -6.33
CA TRP A 115 14.18 -1.55 -5.31
C TRP A 115 14.77 -0.65 -4.21
N VAL A 116 13.89 0.03 -3.48
CA VAL A 116 14.30 1.01 -2.48
C VAL A 116 14.47 0.33 -1.13
N MET A 117 15.40 0.87 -0.35
CA MET A 117 15.59 0.44 1.03
C MET A 117 15.77 1.58 2.01
N THR A 118 16.02 2.81 1.55
CA THR A 118 16.29 3.93 2.43
C THR A 118 15.61 5.18 1.92
N CYS A 119 15.05 5.95 2.86
CA CYS A 119 14.55 7.30 2.61
C CYS A 119 14.94 8.17 3.78
N ALA A 120 15.19 9.45 3.50
CA ALA A 120 15.53 10.42 4.52
C ALA A 120 14.97 11.77 4.11
N TYR A 121 14.74 12.63 5.10
CA TYR A 121 13.97 13.84 4.91
C TYR A 121 14.72 14.98 5.59
N ALA A 122 14.94 16.07 4.85
CA ALA A 122 15.93 17.06 5.25
C ALA A 122 15.55 17.74 6.56
N PRO A 123 16.54 18.16 7.35
CA PRO A 123 16.26 18.89 8.59
C PRO A 123 15.82 20.33 8.39
N SER A 124 15.63 20.76 7.14
CA SER A 124 15.07 22.07 6.85
C SER A 124 13.80 22.01 6.02
N GLY A 125 13.51 20.89 5.37
CA GLY A 125 12.26 20.69 4.68
C GLY A 125 12.28 20.94 3.19
N ASN A 126 13.45 21.07 2.57
CA ASN A 126 13.52 21.37 1.15
C ASN A 126 13.76 20.14 0.30
N TYR A 127 14.50 19.15 0.80
CA TYR A 127 14.93 18.00 0.02
C TYR A 127 14.52 16.70 0.69
N VAL A 128 14.40 15.66 -0.14
CA VAL A 128 14.32 14.28 0.33
C VAL A 128 15.39 13.47 -0.39
N ALA A 129 15.83 12.39 0.25
CA ALA A 129 16.84 11.51 -0.32
C ALA A 129 16.33 10.09 -0.29
N CYS A 130 16.70 9.32 -1.32
CA CYS A 130 16.22 7.96 -1.41
C CYS A 130 17.31 7.08 -2.02
N GLY A 131 17.17 5.78 -1.83
CA GLY A 131 18.04 4.85 -2.52
C GLY A 131 18.06 3.42 -2.02
N GLY A 132 18.54 2.52 -2.87
CA GLY A 132 18.76 1.14 -2.48
C GLY A 132 18.90 0.23 -3.67
N LEU A 133 19.72 -0.80 -3.49
CA LEU A 133 19.86 -1.95 -4.40
C LEU A 133 20.08 -1.51 -5.85
N ASP A 134 20.54 -0.27 -6.04
CA ASP A 134 20.88 0.29 -7.33
C ASP A 134 22.24 0.94 -7.34
N ASN A 135 22.87 1.11 -6.17
CA ASN A 135 24.18 1.65 -5.93
C ASN A 135 24.19 3.17 -6.01
N ILE A 136 23.02 3.81 -6.06
CA ILE A 136 22.89 5.22 -6.38
C ILE A 136 21.95 5.89 -5.39
N CYS A 137 22.34 7.06 -4.88
CA CYS A 137 21.52 7.83 -3.94
C CYS A 137 20.97 9.06 -4.65
N SER A 138 19.65 9.23 -4.62
CA SER A 138 19.00 10.30 -5.36
C SER A 138 18.48 11.38 -4.42
N ILE A 139 18.67 12.65 -4.81
CA ILE A 139 18.27 13.82 -4.04
C ILE A 139 17.18 14.53 -4.83
N TYR A 140 15.99 14.64 -4.22
CA TYR A 140 14.80 15.27 -4.81
C TYR A 140 14.51 16.59 -4.13
N ASN A 141 14.11 17.57 -4.94
CA ASN A 141 13.83 18.94 -4.50
C ASN A 141 12.33 19.13 -4.43
N LEU A 142 11.83 19.56 -3.27
CA LEU A 142 10.40 19.67 -3.04
C LEU A 142 9.84 21.06 -3.34
N LYS A 143 10.66 22.10 -3.27
CA LYS A 143 10.20 23.49 -3.39
C LYS A 143 10.76 24.08 -4.69
N THR A 144 10.02 23.88 -5.77
CA THR A 144 10.40 24.35 -7.09
C THR A 144 9.38 25.36 -7.60
N ARG A 145 9.79 26.19 -8.57
CA ARG A 145 8.90 27.18 -9.13
C ARG A 145 7.91 26.58 -10.13
N GLU A 146 8.17 25.39 -10.65
CA GLU A 146 7.30 24.80 -11.66
C GLU A 146 6.17 23.96 -11.08
N GLY A 147 6.18 23.69 -9.77
CA GLY A 147 5.07 23.09 -9.07
C GLY A 147 5.21 21.60 -8.83
N ASN A 148 6.21 20.97 -9.43
CA ASN A 148 6.42 19.53 -9.30
C ASN A 148 7.73 19.25 -8.57
N VAL A 149 7.90 17.99 -8.19
CA VAL A 149 9.12 17.54 -7.54
C VAL A 149 10.02 16.95 -8.62
N ARG A 150 11.25 17.46 -8.71
CA ARG A 150 12.20 17.05 -9.73
C ARG A 150 13.47 16.55 -9.07
N VAL A 151 14.12 15.58 -9.69
CA VAL A 151 15.33 15.02 -9.12
C VAL A 151 16.45 16.04 -9.20
N SER A 152 17.07 16.34 -8.06
CA SER A 152 18.08 17.38 -8.00
C SER A 152 19.48 16.84 -8.26
N ARG A 153 19.80 15.68 -7.72
CA ARG A 153 21.16 15.18 -7.84
C ARG A 153 21.16 13.65 -7.73
N GLU A 154 22.23 13.03 -8.23
CA GLU A 154 22.33 11.57 -8.32
C GLU A 154 23.75 11.17 -7.95
N LEU A 155 23.96 10.77 -6.70
CA LEU A 155 25.28 10.45 -6.19
C LEU A 155 25.58 8.99 -6.44
N ALA A 156 26.57 8.72 -7.29
CA ALA A 156 27.01 7.38 -7.63
C ALA A 156 28.49 7.24 -7.33
N GLY A 157 28.92 6.02 -7.03
CA GLY A 157 30.27 5.81 -6.56
C GLY A 157 30.43 4.69 -5.55
N HIS A 158 29.33 4.13 -5.08
CA HIS A 158 29.39 2.92 -4.26
C HIS A 158 29.40 1.69 -5.16
N THR A 159 29.66 0.54 -4.56
CA THR A 159 29.73 -0.73 -5.27
C THR A 159 28.64 -1.71 -4.86
N GLY A 160 28.13 -1.62 -3.64
CA GLY A 160 27.02 -2.42 -3.19
C GLY A 160 25.79 -1.57 -2.90
N TYR A 161 24.70 -2.25 -2.56
CA TYR A 161 23.44 -1.57 -2.29
C TYR A 161 23.58 -0.60 -1.12
N LEU A 162 22.63 0.31 -1.01
CA LEU A 162 22.66 1.37 0.00
C LEU A 162 21.78 0.97 1.17
N SER A 163 22.36 0.96 2.38
CA SER A 163 21.62 0.50 3.55
C SER A 163 21.01 1.63 4.36
N CYS A 164 21.61 2.82 4.36
CA CYS A 164 21.07 3.93 5.12
C CYS A 164 21.65 5.22 4.57
N CYS A 165 20.98 6.33 4.87
CA CYS A 165 21.44 7.65 4.44
C CYS A 165 20.84 8.70 5.36
N ARG A 166 21.63 9.69 5.73
CA ARG A 166 21.19 10.73 6.65
C ARG A 166 21.75 12.07 6.22
N PHE A 167 20.91 13.11 6.34
CA PHE A 167 21.29 14.47 5.99
C PHE A 167 22.07 15.07 7.15
N LEU A 168 23.22 15.65 6.84
CA LEU A 168 24.03 16.29 7.88
C LEU A 168 23.69 17.76 7.98
N ASP A 169 23.54 18.41 6.84
CA ASP A 169 22.85 19.70 6.71
C ASP A 169 22.25 19.72 5.32
N ASP A 170 21.89 20.90 4.82
CA ASP A 170 21.21 20.97 3.55
C ASP A 170 22.11 20.67 2.36
N ASN A 171 23.44 20.64 2.54
CA ASN A 171 24.36 20.39 1.43
C ASN A 171 25.50 19.48 1.87
N GLN A 172 25.18 18.43 2.63
CA GLN A 172 26.18 17.44 3.05
C GLN A 172 25.43 16.21 3.52
N ILE A 173 25.66 15.07 2.88
CA ILE A 173 24.90 13.86 3.19
C ILE A 173 25.85 12.69 3.40
N VAL A 174 25.58 11.88 4.40
CA VAL A 174 26.42 10.72 4.74
C VAL A 174 25.62 9.45 4.48
N THR A 175 26.23 8.50 3.75
CA THR A 175 25.57 7.27 3.35
C THR A 175 26.42 6.08 3.76
N SER A 176 25.78 4.91 3.82
CA SER A 176 26.46 3.66 4.14
C SER A 176 26.00 2.59 3.18
N SER A 177 26.93 1.75 2.71
CA SER A 177 26.62 0.83 1.64
C SER A 177 26.99 -0.59 2.03
N GLY A 178 26.47 -1.53 1.26
CA GLY A 178 26.74 -2.93 1.41
C GLY A 178 28.04 -3.40 0.78
N ASP A 179 29.05 -2.54 0.76
CA ASP A 179 30.41 -2.93 0.40
C ASP A 179 31.41 -2.54 1.48
N THR A 180 30.99 -2.51 2.75
CA THR A 180 31.84 -2.22 3.89
C THR A 180 32.41 -0.79 3.80
N THR A 181 31.57 0.19 3.52
CA THR A 181 32.04 1.53 3.27
C THR A 181 30.94 2.56 3.54
N CYS A 182 31.30 3.62 4.27
CA CYS A 182 30.45 4.80 4.40
C CYS A 182 31.12 5.97 3.70
N ALA A 183 30.33 6.94 3.26
CA ALA A 183 30.90 8.05 2.51
C ALA A 183 30.16 9.34 2.81
N LEU A 184 30.89 10.44 2.86
CA LEU A 184 30.32 11.76 3.07
C LEU A 184 30.42 12.57 1.79
N TRP A 185 29.32 13.19 1.38
CA TRP A 185 29.19 13.79 0.07
C TRP A 185 28.80 15.25 0.16
N ASP A 186 29.39 16.05 -0.74
CA ASP A 186 28.88 17.37 -1.10
C ASP A 186 27.88 17.18 -2.22
N ILE A 187 26.66 17.70 -2.05
CA ILE A 187 25.62 17.44 -3.04
C ILE A 187 25.81 18.31 -4.28
N GLU A 188 26.29 19.55 -4.12
CA GLU A 188 26.38 20.45 -5.26
C GLU A 188 27.48 20.02 -6.24
N THR A 189 28.65 19.62 -5.73
CA THR A 189 29.70 19.07 -6.57
C THR A 189 29.38 17.67 -7.05
N GLY A 190 28.88 16.81 -6.17
CA GLY A 190 28.52 15.45 -6.52
C GLY A 190 29.57 14.43 -6.17
N GLN A 191 30.60 14.80 -5.43
CA GLN A 191 31.76 13.94 -5.21
C GLN A 191 31.99 13.71 -3.73
N GLN A 192 32.43 12.50 -3.41
CA GLN A 192 32.79 12.19 -2.03
C GLN A 192 33.90 13.13 -1.56
N THR A 193 33.80 13.56 -0.31
CA THR A 193 34.89 14.28 0.32
C THR A 193 35.65 13.44 1.32
N THR A 194 35.01 12.42 1.91
CA THR A 194 35.67 11.52 2.82
C THR A 194 35.03 10.15 2.71
N THR A 195 35.86 9.12 2.86
CA THR A 195 35.43 7.73 2.82
C THR A 195 35.80 7.09 4.15
N PHE A 196 34.87 6.32 4.71
CA PHE A 196 35.01 5.72 6.02
C PHE A 196 35.05 4.21 5.82
N THR A 197 36.18 3.61 6.17
CA THR A 197 36.44 2.20 5.88
C THR A 197 37.05 1.52 7.10
N GLY A 198 36.83 0.21 7.20
CA GLY A 198 37.39 -0.57 8.29
C GLY A 198 36.53 -1.71 8.78
N HIS A 199 35.25 -1.74 8.43
CA HIS A 199 34.45 -2.91 8.74
C HIS A 199 34.86 -4.09 7.86
N THR A 200 34.27 -5.24 8.16
CA THR A 200 34.56 -6.47 7.44
C THR A 200 33.42 -6.87 6.52
N GLY A 201 32.18 -6.90 7.03
CA GLY A 201 31.03 -7.23 6.21
C GLY A 201 30.19 -6.00 5.89
N ASP A 202 29.00 -6.29 5.38
CA ASP A 202 28.10 -5.24 4.92
C ASP A 202 27.72 -4.31 6.07
N VAL A 203 27.62 -3.02 5.78
CA VAL A 203 27.25 -2.02 6.78
C VAL A 203 25.74 -1.83 6.71
N MET A 204 25.06 -2.00 7.85
CA MET A 204 23.62 -2.10 7.86
C MET A 204 22.93 -0.82 8.34
N SER A 205 23.56 -0.04 9.21
CA SER A 205 22.85 1.13 9.74
C SER A 205 23.85 2.15 10.26
N LEU A 206 23.39 3.40 10.33
CA LEU A 206 24.16 4.48 10.93
C LEU A 206 23.21 5.46 11.62
N SER A 207 23.73 6.15 12.64
CA SER A 207 22.99 7.21 13.31
C SER A 207 23.92 8.37 13.62
N LEU A 208 23.35 9.58 13.61
CA LEU A 208 24.08 10.83 13.77
C LEU A 208 23.91 11.37 15.19
N ALA A 209 24.97 11.96 15.71
CA ALA A 209 24.92 12.57 17.02
C ALA A 209 24.07 13.84 16.99
N PRO A 210 23.51 14.24 18.14
CA PRO A 210 22.65 15.43 18.14
C PRO A 210 23.36 16.72 17.77
N ASP A 211 24.67 16.80 17.92
CA ASP A 211 25.43 17.95 17.46
C ASP A 211 25.94 17.79 16.03
N THR A 212 25.86 16.58 15.47
CA THR A 212 26.27 16.28 14.10
C THR A 212 27.77 16.54 13.90
N ARG A 213 28.57 16.03 14.83
CA ARG A 213 30.01 15.95 14.67
C ARG A 213 30.54 14.54 14.84
N LEU A 214 29.70 13.60 15.23
CA LEU A 214 30.05 12.20 15.37
C LEU A 214 28.90 11.38 14.80
N PHE A 215 29.20 10.14 14.43
CA PHE A 215 28.13 9.22 14.06
C PHE A 215 28.63 7.81 14.25
N VAL A 216 27.70 6.91 14.57
CA VAL A 216 28.05 5.51 14.78
C VAL A 216 27.44 4.69 13.66
N SER A 217 28.11 3.58 13.34
CA SER A 217 27.63 2.66 12.32
C SER A 217 27.69 1.24 12.85
N GLY A 218 26.83 0.40 12.28
CA GLY A 218 26.72 -0.99 12.68
C GLY A 218 26.55 -1.89 11.48
N ALA A 219 27.28 -2.99 11.48
CA ALA A 219 27.49 -3.83 10.31
C ALA A 219 27.21 -5.29 10.64
N CYS A 220 27.40 -6.14 9.63
CA CYS A 220 27.13 -7.57 9.72
C CYS A 220 28.34 -8.37 10.17
N ASP A 221 29.28 -7.76 10.88
CA ASP A 221 30.34 -8.50 11.55
C ASP A 221 30.22 -8.40 13.07
N ALA A 222 29.03 -8.04 13.56
CA ALA A 222 28.72 -8.00 14.99
C ALA A 222 29.62 -7.03 15.73
N SER A 223 29.80 -5.85 15.13
CA SER A 223 30.57 -4.78 15.76
C SER A 223 29.98 -3.44 15.35
N ALA A 224 30.19 -2.44 16.19
CA ALA A 224 29.73 -1.08 15.94
C ALA A 224 30.89 -0.12 16.12
N LYS A 225 30.98 0.89 15.27
CA LYS A 225 32.12 1.78 15.29
C LYS A 225 31.70 3.23 15.42
N LEU A 226 32.46 3.98 16.22
CA LEU A 226 32.27 5.41 16.42
C LEU A 226 33.31 6.15 15.62
N TRP A 227 32.84 6.87 14.60
CA TRP A 227 33.61 7.61 13.62
C TRP A 227 33.81 9.07 14.04
N ASP A 228 34.26 9.89 13.09
CA ASP A 228 34.49 11.31 13.31
C ASP A 228 34.36 12.00 11.95
N VAL A 229 33.36 12.88 11.81
CA VAL A 229 33.06 13.45 10.51
C VAL A 229 34.17 14.37 10.02
N ARG A 230 34.77 15.15 10.93
CA ARG A 230 35.82 16.08 10.52
C ARG A 230 37.02 15.34 9.94
N GLU A 231 37.66 14.51 10.76
CA GLU A 231 38.94 13.89 10.42
C GLU A 231 38.82 12.57 9.69
N GLY A 232 37.62 12.01 9.58
CA GLY A 232 37.42 10.78 8.84
C GLY A 232 38.17 9.58 9.37
N MET A 233 38.16 9.40 10.69
CA MET A 233 38.87 8.30 11.31
C MET A 233 37.95 7.57 12.28
N CYS A 234 38.15 6.26 12.41
CA CYS A 234 37.44 5.50 13.42
C CYS A 234 38.03 5.79 14.79
N ARG A 235 37.18 6.09 15.75
CA ARG A 235 37.67 6.45 17.06
C ARG A 235 37.39 5.39 18.11
N GLN A 236 36.28 4.65 18.03
CA GLN A 236 36.08 3.57 18.99
C GLN A 236 35.37 2.37 18.36
N THR A 237 35.56 1.21 18.96
CA THR A 237 34.96 -0.03 18.51
C THR A 237 34.26 -0.73 19.68
N PHE A 238 33.01 -1.14 19.45
CA PHE A 238 32.19 -1.82 20.46
C PHE A 238 31.74 -3.16 19.91
N THR A 239 31.92 -4.21 20.71
CA THR A 239 31.55 -5.56 20.32
C THR A 239 30.84 -6.27 21.47
N GLY A 240 30.22 -7.40 21.15
CA GLY A 240 29.50 -8.16 22.15
C GLY A 240 28.25 -8.86 21.65
N HIS A 241 27.71 -8.43 20.50
CA HIS A 241 26.58 -9.12 19.91
C HIS A 241 27.04 -10.46 19.34
N GLU A 242 26.08 -11.34 19.02
CA GLU A 242 26.42 -12.65 18.47
C GLU A 242 25.90 -12.84 17.06
N SER A 243 25.35 -11.80 16.43
CA SER A 243 24.76 -11.93 15.11
C SER A 243 24.75 -10.53 14.48
N ASP A 244 23.97 -10.37 13.41
CA ASP A 244 23.96 -9.12 12.66
C ASP A 244 23.49 -7.94 13.51
N ILE A 245 23.61 -6.74 12.98
CA ILE A 245 23.16 -5.52 13.64
C ILE A 245 22.22 -4.82 12.66
N ASN A 246 20.93 -4.83 12.95
CA ASN A 246 19.96 -4.32 12.00
C ASN A 246 19.57 -2.87 12.26
N ALA A 247 19.77 -2.35 13.47
CA ALA A 247 19.32 -1.01 13.81
C ALA A 247 20.17 -0.44 14.93
N ILE A 248 20.26 0.89 14.99
CA ILE A 248 21.09 1.59 15.97
C ILE A 248 20.52 3.00 16.13
N CYS A 249 20.81 3.62 17.29
CA CYS A 249 20.34 4.98 17.56
C CYS A 249 21.07 5.60 18.74
N PHE A 250 21.22 6.92 18.71
CA PHE A 250 21.79 7.67 19.83
C PHE A 250 20.77 8.00 20.90
N PHE A 251 21.23 7.99 22.14
CA PHE A 251 20.54 8.51 23.32
C PHE A 251 20.35 10.01 23.14
N PRO A 252 19.23 10.58 23.61
CA PRO A 252 19.02 12.03 23.41
C PRO A 252 20.08 12.90 24.05
N ASN A 253 20.82 12.38 25.03
CA ASN A 253 21.96 13.10 25.59
C ASN A 253 23.10 13.17 24.59
N GLY A 254 23.24 12.17 23.72
CA GLY A 254 24.38 12.08 22.84
C GLY A 254 25.59 11.43 23.45
N ASN A 255 25.43 10.70 24.56
CA ASN A 255 26.55 10.08 25.26
C ASN A 255 26.32 8.60 25.51
N ALA A 256 25.46 7.96 24.74
CA ALA A 256 25.24 6.52 24.78
C ALA A 256 24.42 6.15 23.56
N PHE A 257 24.44 4.88 23.18
CA PHE A 257 23.59 4.44 22.10
C PHE A 257 23.07 3.04 22.39
N ALA A 258 22.08 2.62 21.61
CA ALA A 258 21.45 1.32 21.79
C ALA A 258 21.47 0.56 20.48
N THR A 259 21.91 -0.69 20.55
CA THR A 259 22.12 -1.52 19.39
C THR A 259 21.07 -2.62 19.32
N GLY A 260 20.54 -2.84 18.12
CA GLY A 260 19.53 -3.86 17.90
C GLY A 260 20.00 -4.98 17.00
N SER A 261 20.18 -6.16 17.60
CA SER A 261 20.82 -7.28 16.96
C SER A 261 19.85 -8.07 16.09
N ASP A 262 20.27 -9.27 15.71
CA ASP A 262 19.45 -10.24 15.01
C ASP A 262 19.35 -11.55 15.77
N ASP A 263 19.73 -11.57 17.04
CA ASP A 263 19.53 -12.71 17.93
C ASP A 263 18.53 -12.38 19.03
N ALA A 264 17.52 -11.58 18.69
CA ALA A 264 16.46 -11.18 19.63
C ALA A 264 17.04 -10.60 20.91
N THR A 265 17.83 -9.53 20.76
CA THR A 265 18.50 -8.90 21.88
C THR A 265 18.83 -7.46 21.52
N CYS A 266 18.65 -6.55 22.49
CA CYS A 266 19.10 -5.18 22.39
C CYS A 266 20.18 -4.93 23.45
N ARG A 267 21.04 -3.95 23.19
CA ARG A 267 22.09 -3.64 24.15
C ARG A 267 22.28 -2.15 24.26
N LEU A 268 22.76 -1.69 25.42
CA LEU A 268 23.07 -0.27 25.63
C LEU A 268 24.57 -0.11 25.80
N PHE A 269 25.20 0.62 24.88
CA PHE A 269 26.62 0.90 24.94
C PHE A 269 26.87 2.34 25.36
N ASP A 270 27.94 2.52 26.13
CA ASP A 270 28.32 3.80 26.71
C ASP A 270 29.52 4.36 25.96
N LEU A 271 29.48 5.65 25.63
CA LEU A 271 30.57 6.25 24.86
C LEU A 271 31.75 6.58 25.77
N ARG A 272 31.54 7.40 26.80
CA ARG A 272 32.66 7.91 27.57
C ARG A 272 33.39 6.80 28.31
N ALA A 273 32.63 5.80 28.78
CA ALA A 273 33.24 4.66 29.51
C ALA A 273 33.47 3.49 28.55
N ASP A 274 32.91 3.57 27.33
CA ASP A 274 33.10 2.49 26.32
C ASP A 274 32.93 1.12 26.98
N GLN A 275 31.71 0.82 27.44
CA GLN A 275 31.43 -0.50 28.09
C GLN A 275 29.93 -0.81 27.95
N GLU A 276 29.56 -2.09 28.04
CA GLU A 276 28.17 -2.46 27.87
C GLU A 276 27.42 -2.14 29.15
N LEU A 277 26.25 -1.51 29.01
CA LEU A 277 25.49 -1.08 30.18
C LEU A 277 24.40 -2.08 30.57
N MET A 278 23.47 -2.40 29.69
CA MET A 278 22.61 -3.54 29.99
C MET A 278 22.11 -4.18 28.71
N THR A 279 21.36 -5.27 28.92
CA THR A 279 20.82 -6.13 27.87
C THR A 279 19.31 -6.18 27.98
N TYR A 280 18.64 -6.06 26.83
CA TYR A 280 17.18 -6.09 26.73
C TYR A 280 16.78 -7.35 25.95
N SER A 281 16.34 -8.37 26.67
CA SER A 281 15.91 -9.62 26.07
C SER A 281 15.03 -10.37 27.07
N HIS A 282 14.30 -11.36 26.56
CA HIS A 282 13.41 -12.16 27.37
C HIS A 282 13.33 -13.56 26.77
N ASP A 283 12.93 -14.54 27.59
CA ASP A 283 13.01 -15.93 27.17
C ASP A 283 11.93 -16.33 26.17
N ASN A 284 10.97 -15.47 25.90
CA ASN A 284 9.94 -15.76 24.91
C ASN A 284 10.21 -15.12 23.56
N ILE A 285 11.35 -14.45 23.40
CA ILE A 285 11.68 -13.71 22.19
C ILE A 285 12.83 -14.42 21.50
N ILE A 286 12.57 -14.94 20.29
CA ILE A 286 13.55 -15.74 19.57
C ILE A 286 13.75 -15.21 18.16
N CYS A 287 13.13 -14.06 17.85
CA CYS A 287 13.23 -13.45 16.53
C CYS A 287 13.83 -12.06 16.65
N GLY A 288 14.54 -11.66 15.61
CA GLY A 288 15.40 -10.50 15.66
C GLY A 288 14.70 -9.15 15.60
N ILE A 289 15.36 -8.14 16.14
CA ILE A 289 14.88 -6.77 16.11
C ILE A 289 15.13 -6.19 14.72
N THR A 290 14.20 -5.36 14.25
CA THR A 290 14.37 -4.68 12.98
C THR A 290 14.46 -3.17 13.09
N SER A 291 14.29 -2.60 14.28
CA SER A 291 14.32 -1.16 14.49
C SER A 291 14.33 -0.85 15.98
N VAL A 292 15.05 0.19 16.37
CA VAL A 292 15.05 0.69 17.73
C VAL A 292 14.89 2.20 17.71
N SER A 293 14.43 2.74 18.83
CA SER A 293 14.21 4.17 18.98
C SER A 293 14.08 4.49 20.46
N PHE A 294 14.18 5.78 20.78
CA PHE A 294 14.16 6.26 22.15
C PHE A 294 12.99 7.22 22.37
N SER A 295 12.83 7.64 23.62
CA SER A 295 11.82 8.60 24.00
C SER A 295 12.49 9.92 24.35
N LYS A 296 11.74 11.02 24.21
CA LYS A 296 12.34 12.35 24.27
C LYS A 296 13.09 12.59 25.57
N SER A 297 12.69 11.93 26.65
CA SER A 297 13.41 12.02 27.90
C SER A 297 14.39 10.86 28.11
N GLY A 298 14.50 9.95 27.14
CA GLY A 298 15.47 8.87 27.20
C GLY A 298 15.14 7.78 28.20
N ARG A 299 13.86 7.53 28.44
CA ARG A 299 13.43 6.53 29.40
C ARG A 299 12.83 5.30 28.76
N LEU A 300 12.13 5.46 27.64
CA LEU A 300 11.47 4.36 26.96
C LEU A 300 12.28 4.00 25.72
N LEU A 301 12.60 2.72 25.59
CA LEU A 301 13.26 2.19 24.40
C LEU A 301 12.23 1.38 23.63
N LEU A 302 11.87 1.84 22.44
CA LEU A 302 10.94 1.13 21.59
C LEU A 302 11.70 0.24 20.63
N ALA A 303 11.33 -1.03 20.58
CA ALA A 303 12.01 -1.98 19.70
C ALA A 303 10.98 -2.71 18.87
N GLY A 304 11.20 -2.75 17.56
CA GLY A 304 10.25 -3.38 16.67
C GLY A 304 10.69 -4.74 16.20
N TYR A 305 10.08 -5.79 16.77
CA TYR A 305 10.47 -7.16 16.47
C TYR A 305 9.76 -7.63 15.21
N ASP A 306 10.19 -8.79 14.70
CA ASP A 306 9.58 -9.34 13.50
C ASP A 306 8.72 -10.57 13.80
N ASP A 307 8.25 -10.72 15.04
CA ASP A 307 7.07 -11.51 15.35
C ASP A 307 5.80 -10.67 15.31
N PHE A 308 5.80 -9.63 14.48
CA PHE A 308 4.68 -8.80 14.06
C PHE A 308 4.31 -7.67 15.02
N ASN A 309 5.04 -7.43 16.10
CA ASN A 309 4.62 -6.38 17.03
C ASN A 309 5.83 -5.73 17.70
N CYS A 310 5.59 -4.55 18.27
CA CYS A 310 6.62 -3.76 18.94
C CYS A 310 6.62 -4.01 20.44
N ASN A 311 7.67 -3.56 21.11
CA ASN A 311 7.84 -3.75 22.54
C ASN A 311 8.43 -2.48 23.12
N VAL A 312 8.06 -2.16 24.36
CA VAL A 312 8.45 -0.93 25.01
C VAL A 312 9.18 -1.29 26.29
N TRP A 313 10.48 -1.01 26.34
CA TRP A 313 11.32 -1.33 27.48
C TRP A 313 11.58 -0.08 28.31
N ASP A 314 11.59 -0.26 29.62
CA ASP A 314 12.02 0.78 30.55
C ASP A 314 13.53 0.77 30.60
N ALA A 315 14.14 1.82 30.04
CA ALA A 315 15.56 1.81 29.73
C ALA A 315 16.46 1.81 30.96
N LEU A 316 15.95 2.11 32.15
CA LEU A 316 16.79 2.10 33.34
C LEU A 316 16.69 0.83 34.16
N LYS A 317 15.74 -0.05 33.87
CA LYS A 317 15.61 -1.30 34.62
C LYS A 317 15.42 -2.53 33.76
N ALA A 318 15.23 -2.39 32.44
CA ALA A 318 15.11 -3.52 31.52
C ALA A 318 13.87 -4.38 31.84
N ASP A 319 12.72 -3.72 31.87
CA ASP A 319 11.45 -4.36 32.18
C ASP A 319 10.42 -3.94 31.15
N ARG A 320 9.79 -4.89 30.48
CA ARG A 320 8.73 -4.55 29.54
C ARG A 320 7.62 -3.80 30.24
N ALA A 321 7.13 -2.76 29.58
CA ALA A 321 6.04 -1.95 30.10
C ALA A 321 5.04 -1.63 29.00
N GLY A 322 4.72 -2.62 28.17
CA GLY A 322 3.72 -2.40 27.15
C GLY A 322 3.98 -3.16 25.87
N VAL A 323 2.97 -3.25 25.01
CA VAL A 323 3.08 -3.92 23.72
C VAL A 323 2.21 -3.17 22.71
N LEU A 324 2.77 -2.85 21.55
CA LEU A 324 2.03 -2.18 20.49
C LEU A 324 1.61 -3.20 19.44
N ALA A 325 0.59 -3.98 19.76
CA ALA A 325 0.14 -5.07 18.90
C ALA A 325 -1.00 -4.59 18.01
N GLY A 326 -0.66 -4.19 16.78
CA GLY A 326 -1.70 -3.85 15.82
C GLY A 326 -1.38 -4.21 14.39
N HIS A 327 -0.27 -4.91 14.17
CA HIS A 327 0.17 -5.27 12.82
C HIS A 327 0.06 -6.77 12.62
N ASP A 328 -0.10 -7.18 11.36
CA ASP A 328 -0.20 -8.59 11.04
C ASP A 328 0.91 -9.13 10.17
N ASN A 329 1.93 -8.33 9.89
CA ASN A 329 3.15 -8.83 9.27
C ASN A 329 4.34 -8.18 9.98
N ARG A 330 5.53 -8.41 9.44
CA ARG A 330 6.76 -7.95 10.08
C ARG A 330 6.75 -6.42 10.19
N VAL A 331 7.29 -5.93 11.31
CA VAL A 331 7.48 -4.50 11.53
C VAL A 331 8.87 -4.14 11.02
N SER A 332 8.95 -3.18 10.10
CA SER A 332 10.20 -2.90 9.42
C SER A 332 10.83 -1.56 9.79
N CYS A 333 10.05 -0.59 10.27
CA CYS A 333 10.57 0.74 10.55
C CYS A 333 9.71 1.39 11.62
N LEU A 334 10.32 2.32 12.35
CA LEU A 334 9.76 2.84 13.59
C LEU A 334 10.44 4.15 13.94
N GLY A 335 9.67 5.11 14.45
CA GLY A 335 10.25 6.40 14.80
C GLY A 335 9.41 7.35 15.63
N VAL A 336 10.06 8.16 16.46
CA VAL A 336 9.42 9.04 17.42
C VAL A 336 9.65 10.49 17.01
N THR A 337 8.63 11.34 17.17
CA THR A 337 8.76 12.74 16.78
C THR A 337 9.77 13.46 17.66
N ASP A 338 10.09 14.70 17.25
CA ASP A 338 11.14 15.46 17.94
C ASP A 338 10.63 16.11 19.21
N ASP A 339 9.33 16.22 19.40
CA ASP A 339 8.76 16.73 20.64
C ASP A 339 8.17 15.62 21.51
N GLY A 340 8.25 14.37 21.07
CA GLY A 340 7.78 13.24 21.85
C GLY A 340 6.28 13.11 21.93
N MET A 341 5.56 13.49 20.88
CA MET A 341 4.11 13.40 20.88
C MET A 341 3.61 12.01 20.48
N ALA A 342 4.09 11.47 19.37
CA ALA A 342 3.57 10.24 18.81
C ALA A 342 4.72 9.35 18.36
N VAL A 343 4.41 8.07 18.13
CA VAL A 343 5.35 7.15 17.53
C VAL A 343 4.68 6.54 16.30
N ALA A 344 5.46 6.36 15.24
CA ALA A 344 4.93 5.77 14.02
C ALA A 344 5.65 4.48 13.73
N THR A 345 4.89 3.51 13.22
CA THR A 345 5.42 2.21 12.83
C THR A 345 4.93 1.86 11.43
N GLY A 346 5.81 1.25 10.63
CA GLY A 346 5.46 0.72 9.34
C GLY A 346 5.62 -0.78 9.35
N SER A 347 5.07 -1.44 8.32
CA SER A 347 5.08 -2.88 8.32
C SER A 347 4.94 -3.41 6.89
N TRP A 348 5.22 -4.70 6.74
CA TRP A 348 5.20 -5.38 5.45
C TRP A 348 3.79 -5.63 4.94
N ASP A 349 2.76 -5.31 5.73
CA ASP A 349 1.38 -5.35 5.26
C ASP A 349 0.96 -4.07 4.56
N SER A 350 1.87 -3.10 4.42
CA SER A 350 1.66 -1.83 3.72
C SER A 350 0.76 -0.87 4.48
N PHE A 351 0.90 -0.81 5.81
CA PHE A 351 0.13 0.12 6.63
C PHE A 351 1.06 0.83 7.59
N LEU A 352 0.89 2.13 7.75
CA LEU A 352 1.54 2.90 8.80
C LEU A 352 0.55 3.14 9.93
N LYS A 353 1.07 3.26 11.14
CA LYS A 353 0.22 3.51 12.29
C LYS A 353 0.90 4.51 13.21
N ILE A 354 0.08 5.32 13.86
CA ILE A 354 0.53 6.39 14.74
C ILE A 354 -0.09 6.19 16.10
N TRP A 355 0.74 6.26 17.15
CA TRP A 355 0.35 6.02 18.52
C TRP A 355 0.64 7.25 19.37
N ASN A 356 -0.30 7.58 20.24
CA ASN A 356 -0.03 8.51 21.34
C ASN A 356 0.25 7.70 22.58
N THR B 6 53.22 -9.55 -0.40
CA THR B 6 53.97 -8.54 0.33
C THR B 6 53.15 -7.26 0.49
N ALA B 7 51.87 -7.33 0.15
CA ALA B 7 50.98 -6.18 0.24
C ALA B 7 49.93 -6.33 1.34
N SER B 8 49.69 -7.54 1.82
CA SER B 8 48.76 -7.73 2.94
C SER B 8 49.33 -7.15 4.23
N ILE B 9 50.66 -7.09 4.32
CA ILE B 9 51.30 -6.49 5.49
C ILE B 9 50.93 -5.02 5.61
N ALA B 10 50.57 -4.38 4.50
CA ALA B 10 50.04 -3.02 4.59
C ALA B 10 48.71 -2.98 5.34
N GLN B 11 47.81 -3.93 5.03
CA GLN B 11 46.56 -4.03 5.76
C GLN B 11 46.81 -4.34 7.24
N ALA B 12 47.74 -5.24 7.53
CA ALA B 12 48.07 -5.55 8.91
C ALA B 12 48.62 -4.31 9.63
N ARG B 13 49.45 -3.53 8.95
CA ARG B 13 49.97 -2.30 9.53
C ARG B 13 48.85 -1.30 9.81
N LYS B 14 47.90 -1.19 8.89
CA LYS B 14 46.75 -0.31 9.13
C LYS B 14 45.98 -0.76 10.37
N LEU B 15 45.73 -2.07 10.50
CA LEU B 15 44.98 -2.58 11.63
C LEU B 15 45.73 -2.34 12.95
N VAL B 16 47.04 -2.57 12.96
CA VAL B 16 47.78 -2.37 14.21
C VAL B 16 47.89 -0.88 14.55
N GLU B 17 47.97 -0.01 13.54
CA GLU B 17 47.91 1.43 13.82
C GLU B 17 46.58 1.82 14.43
N GLN B 18 45.49 1.25 13.91
CA GLN B 18 44.17 1.51 14.49
C GLN B 18 44.11 1.07 15.94
N LEU B 19 44.68 -0.10 16.24
CA LEU B 19 44.72 -0.57 17.62
C LEU B 19 45.59 0.33 18.50
N LYS B 20 46.71 0.83 17.95
CA LYS B 20 47.50 1.82 18.66
C LYS B 20 46.65 3.01 19.06
N MET B 21 45.94 3.60 18.11
CA MET B 21 45.29 4.88 18.39
C MET B 21 44.04 4.70 19.25
N GLU B 22 43.35 3.58 19.10
CA GLU B 22 42.12 3.36 19.86
C GLU B 22 42.39 3.20 21.36
N ALA B 23 43.56 2.68 21.71
CA ALA B 23 43.86 2.30 23.10
C ALA B 23 44.54 3.41 23.89
N ASN B 24 44.33 4.68 23.51
CA ASN B 24 44.97 5.81 24.18
C ASN B 24 43.94 6.87 24.54
N ILE B 25 42.83 6.44 25.13
CA ILE B 25 41.76 7.36 25.50
C ILE B 25 41.47 7.23 27.00
N ASP B 26 40.69 8.17 27.54
CA ASP B 26 40.41 8.22 28.97
C ASP B 26 39.07 7.55 29.25
N ARG B 27 39.08 6.60 30.19
CA ARG B 27 37.89 5.87 30.58
C ARG B 27 37.49 6.25 31.99
N ILE B 28 36.19 6.34 32.23
CA ILE B 28 35.67 6.71 33.55
C ILE B 28 35.00 5.50 34.16
N LYS B 29 34.62 5.60 35.44
CA LYS B 29 33.90 4.54 36.10
C LYS B 29 32.49 4.43 35.54
N VAL B 30 31.94 3.22 35.56
CA VAL B 30 30.61 2.99 35.00
C VAL B 30 29.54 3.60 35.90
N SER B 31 29.82 3.69 37.20
CA SER B 31 28.84 4.24 38.13
C SER B 31 28.54 5.70 37.84
N LYS B 32 29.58 6.48 37.50
CA LYS B 32 29.36 7.86 37.09
C LYS B 32 28.47 7.93 35.85
N ALA B 33 28.68 7.02 34.90
CA ALA B 33 27.84 6.99 33.71
C ALA B 33 26.39 6.69 34.07
N ALA B 34 26.18 5.73 34.96
CA ALA B 34 24.81 5.41 35.39
C ALA B 34 24.15 6.61 36.08
N ALA B 35 24.92 7.32 36.91
CA ALA B 35 24.39 8.51 37.57
C ALA B 35 24.03 9.59 36.56
N ASP B 36 24.86 9.75 35.52
CA ASP B 36 24.57 10.73 34.48
C ASP B 36 23.27 10.37 33.75
N LEU B 37 23.09 9.10 33.43
CA LEU B 37 21.85 8.65 32.81
C LEU B 37 20.64 8.92 33.71
N MET B 38 20.74 8.61 35.00
CA MET B 38 19.64 8.93 35.92
C MET B 38 19.34 10.42 35.94
N ALA B 39 20.37 11.24 36.09
CA ALA B 39 20.14 12.68 36.22
C ALA B 39 19.46 13.23 34.97
N TYR B 40 19.96 12.88 33.79
CA TYR B 40 19.34 13.40 32.58
C TYR B 40 17.92 12.88 32.43
N CYS B 41 17.69 11.61 32.80
CA CYS B 41 16.35 11.06 32.60
C CYS B 41 15.34 11.60 33.60
N GLU B 42 15.81 12.04 34.77
CA GLU B 42 14.91 12.58 35.78
C GLU B 42 14.63 14.07 35.59
N ALA B 43 15.65 14.85 35.27
CA ALA B 43 15.43 16.29 35.11
C ALA B 43 14.43 16.60 34.00
N HIS B 44 14.41 15.78 32.95
CA HIS B 44 13.51 15.98 31.82
C HIS B 44 12.27 15.11 31.88
N ALA B 45 11.79 14.79 33.07
CA ALA B 45 10.66 13.88 33.23
C ALA B 45 9.33 14.46 32.77
N LYS B 46 9.15 15.78 32.86
CA LYS B 46 7.87 16.41 32.62
C LYS B 46 7.70 16.92 31.19
N GLU B 47 8.60 16.55 30.28
CA GLU B 47 8.53 17.06 28.92
C GLU B 47 8.30 15.98 27.88
N ASP B 48 7.98 14.75 28.29
CA ASP B 48 7.72 13.65 27.32
C ASP B 48 6.27 13.15 27.43
N PRO B 49 5.34 13.57 26.53
CA PRO B 49 3.93 13.18 26.65
C PRO B 49 3.68 11.68 26.71
N LEU B 50 4.66 10.85 26.34
CA LEU B 50 4.41 9.42 26.31
C LEU B 50 4.63 8.75 27.66
N LEU B 51 5.43 9.35 28.54
CA LEU B 51 5.69 8.73 29.83
C LEU B 51 4.67 9.17 30.87
N THR B 52 4.21 10.41 30.78
CA THR B 52 3.14 10.95 31.62
C THR B 52 1.99 11.34 30.71
N PRO B 53 0.95 10.50 30.59
CA PRO B 53 -0.07 10.74 29.56
C PRO B 53 -0.70 12.12 29.68
N VAL B 54 -0.96 12.72 28.53
CA VAL B 54 -1.44 14.10 28.43
C VAL B 54 -2.95 14.09 28.21
N PRO B 55 -3.71 15.02 28.82
CA PRO B 55 -5.16 15.06 28.59
C PRO B 55 -5.54 15.29 27.14
N ALA B 56 -6.83 15.13 26.83
CA ALA B 56 -7.27 15.04 25.45
C ALA B 56 -7.18 16.39 24.73
N SER B 57 -7.50 17.48 25.42
CA SER B 57 -7.59 18.78 24.77
C SER B 57 -6.22 19.26 24.32
N GLU B 58 -5.15 18.70 24.88
CA GLU B 58 -3.82 19.22 24.62
C GLU B 58 -3.14 18.55 23.43
N ASN B 59 -3.25 17.24 23.31
CA ASN B 59 -2.56 16.56 22.21
C ASN B 59 -3.29 16.79 20.90
N PRO B 60 -2.58 16.78 19.76
CA PRO B 60 -3.21 17.19 18.50
C PRO B 60 -3.76 16.02 17.69
N PHE B 61 -3.44 14.79 18.07
CA PHE B 61 -3.90 13.63 17.34
C PHE B 61 -5.26 13.13 17.80
N ARG B 62 -5.79 13.69 18.88
CA ARG B 62 -7.05 13.23 19.47
C ARG B 62 -8.20 13.22 18.46
N GLY C 2 -15.73 17.54 6.98
CA GLY C 2 -16.93 18.08 7.57
C GLY C 2 -16.99 19.59 7.53
N CYS C 3 -17.92 20.17 8.29
CA CYS C 3 -18.07 21.61 8.37
C CYS C 3 -16.98 22.26 9.22
N THR C 4 -16.13 21.46 9.88
CA THR C 4 -15.00 21.99 10.62
C THR C 4 -13.92 22.54 9.68
N LEU C 5 -14.05 22.29 8.38
CA LEU C 5 -13.02 22.61 7.41
C LEU C 5 -13.27 23.97 6.77
N SER C 6 -12.17 24.66 6.48
CA SER C 6 -12.21 25.97 5.83
C SER C 6 -12.01 25.77 4.32
N ALA C 7 -11.99 26.88 3.58
CA ALA C 7 -11.89 26.82 2.13
C ALA C 7 -10.52 26.40 1.64
N GLU C 8 -9.51 26.34 2.52
CA GLU C 8 -8.19 25.86 2.15
C GLU C 8 -7.84 24.53 2.80
N ASP C 9 -8.79 23.91 3.51
CA ASP C 9 -8.66 22.51 3.87
C ASP C 9 -9.61 21.63 3.08
N LYS C 10 -10.46 22.22 2.25
CA LYS C 10 -11.27 21.50 1.29
C LYS C 10 -10.63 21.42 -0.09
N ALA C 11 -9.43 21.96 -0.24
CA ALA C 11 -8.68 21.77 -1.48
C ALA C 11 -7.53 20.79 -1.30
N ALA C 12 -6.99 20.71 -0.09
CA ALA C 12 -6.01 19.66 0.22
C ALA C 12 -6.67 18.28 0.13
N VAL C 13 -7.92 18.17 0.55
CA VAL C 13 -8.63 16.90 0.47
C VAL C 13 -8.83 16.48 -0.98
N GLU C 14 -9.22 17.41 -1.84
CA GLU C 14 -9.36 17.12 -3.26
C GLU C 14 -8.03 16.69 -3.87
N ARG C 15 -6.95 17.39 -3.52
CA ARG C 15 -5.64 17.03 -4.04
C ARG C 15 -5.23 15.64 -3.59
N SER C 16 -5.51 15.30 -2.33
CA SER C 16 -5.21 13.96 -1.85
C SER C 16 -6.02 12.91 -2.59
N LYS C 17 -7.29 13.19 -2.89
CA LYS C 17 -8.09 12.23 -3.64
C LYS C 17 -7.55 11.99 -5.04
N MET C 18 -7.07 13.05 -5.71
CA MET C 18 -6.47 12.83 -7.03
C MET C 18 -5.16 12.04 -6.92
N ILE C 19 -4.36 12.30 -5.89
CA ILE C 19 -3.18 11.47 -5.66
C ILE C 19 -3.59 10.01 -5.51
N ASP C 20 -4.66 9.76 -4.75
CA ASP C 20 -5.11 8.39 -4.52
C ASP C 20 -5.55 7.71 -5.81
N ARG C 21 -6.32 8.40 -6.64
CA ARG C 21 -6.80 7.73 -7.84
C ARG C 21 -5.66 7.46 -8.81
N ASN C 22 -4.66 8.34 -8.85
CA ASN C 22 -3.51 8.07 -9.72
C ASN C 22 -2.67 6.90 -9.20
N LEU C 23 -2.49 6.80 -7.89
CA LEU C 23 -1.79 5.64 -7.33
C LEU C 23 -2.52 4.34 -7.65
N ARG C 24 -3.83 4.32 -7.42
CA ARG C 24 -4.60 3.10 -7.66
C ARG C 24 -4.62 2.73 -9.14
N GLU C 25 -4.70 3.72 -10.01
CA GLU C 25 -4.64 3.48 -11.45
C GLU C 25 -3.27 3.02 -11.90
N ASP C 26 -2.19 3.41 -11.24
CA ASP C 26 -0.85 2.95 -11.58
C ASP C 26 -0.50 1.61 -10.96
N GLY C 27 -1.28 1.16 -9.98
CA GLY C 27 -1.07 -0.18 -9.45
C GLY C 27 -1.71 -1.28 -10.24
N GLU C 28 -2.49 -0.91 -11.27
CA GLU C 28 -3.11 -1.92 -12.14
C GLU C 28 -2.16 -2.36 -13.25
N LYS C 29 -1.41 -1.42 -13.80
CA LYS C 29 -0.43 -1.72 -14.84
C LYS C 29 0.74 -2.56 -14.34
N ALA C 30 0.94 -2.65 -13.03
CA ALA C 30 2.01 -3.44 -12.46
C ALA C 30 1.53 -4.79 -11.95
N ALA C 31 0.25 -5.10 -12.10
CA ALA C 31 -0.29 -6.40 -11.75
C ALA C 31 -0.56 -7.28 -12.96
N ARG C 32 -0.47 -6.73 -14.16
CA ARG C 32 -0.64 -7.50 -15.39
C ARG C 32 0.67 -7.64 -16.16
N GLU C 33 1.80 -7.71 -15.44
CA GLU C 33 3.09 -8.03 -16.01
C GLU C 33 3.62 -9.27 -15.29
N VAL C 34 4.46 -10.03 -15.97
CA VAL C 34 5.02 -11.24 -15.38
C VAL C 34 6.49 -10.98 -15.02
N LYS C 35 6.82 -11.12 -13.76
CA LYS C 35 8.15 -10.79 -13.25
C LYS C 35 8.94 -12.06 -13.00
N LEU C 36 10.12 -12.14 -13.60
CA LEU C 36 10.99 -13.30 -13.53
C LEU C 36 12.32 -12.90 -12.91
N LEU C 37 12.88 -13.79 -12.09
CA LEU C 37 14.19 -13.56 -11.50
C LEU C 37 15.19 -14.50 -12.16
N LEU C 38 16.22 -13.95 -12.78
CA LEU C 38 17.17 -14.75 -13.54
C LEU C 38 18.39 -15.03 -12.68
N LEU C 39 18.89 -16.26 -12.74
CA LEU C 39 20.00 -16.72 -11.92
C LEU C 39 20.86 -17.68 -12.73
N GLY C 40 22.12 -17.78 -12.35
CA GLY C 40 23.08 -18.55 -13.11
C GLY C 40 24.44 -18.60 -12.43
N ALA C 41 25.41 -19.21 -13.08
CA ALA C 41 26.73 -19.43 -12.51
C ALA C 41 27.83 -18.75 -13.33
N GLY C 42 27.59 -17.50 -13.74
CA GLY C 42 28.64 -16.73 -14.37
C GLY C 42 28.72 -16.92 -15.88
N GLU C 43 29.63 -17.76 -16.32
CA GLU C 43 29.83 -18.06 -17.74
C GLU C 43 28.96 -19.27 -18.08
N SER C 44 27.65 -19.07 -18.00
CA SER C 44 26.68 -20.14 -18.17
C SER C 44 25.53 -19.68 -19.06
N GLY C 45 25.85 -18.94 -20.11
CA GLY C 45 24.87 -18.67 -21.14
C GLY C 45 23.84 -17.61 -20.82
N LYS C 46 23.94 -16.97 -19.65
CA LYS C 46 22.95 -15.98 -19.26
C LYS C 46 22.79 -14.90 -20.32
N ASN C 47 23.90 -14.36 -20.82
CA ASN C 47 23.84 -13.35 -21.86
C ASN C 47 23.22 -13.91 -23.14
N THR C 48 23.57 -15.15 -23.49
CA THR C 48 22.98 -15.75 -24.69
C THR C 48 21.47 -15.93 -24.54
N ILE C 49 21.04 -16.43 -23.37
CA ILE C 49 19.61 -16.58 -23.12
C ILE C 49 18.92 -15.24 -23.24
N VAL C 50 19.55 -14.17 -22.74
CA VAL C 50 19.00 -12.84 -22.94
C VAL C 50 18.91 -12.52 -24.42
N LYS C 51 19.93 -12.92 -25.20
CA LYS C 51 19.92 -12.63 -26.62
C LYS C 51 18.75 -13.28 -27.34
N GLN C 52 18.42 -14.53 -26.99
CA GLN C 52 17.23 -15.13 -27.60
C GLN C 52 15.95 -14.43 -27.14
N MET C 53 16.01 -13.72 -26.01
CA MET C 53 14.82 -13.18 -25.39
C MET C 53 14.84 -11.65 -25.30
N LYS C 54 15.90 -11.02 -25.81
CA LYS C 54 16.08 -9.58 -25.65
C LYS C 54 15.07 -8.79 -26.46
N ILE C 55 14.76 -7.59 -25.99
CA ILE C 55 13.94 -6.65 -26.74
C ILE C 55 14.83 -5.76 -27.60
N GLY C 183 24.41 -2.29 -10.72
CA GLY C 183 23.87 -3.28 -9.81
C GLY C 183 22.80 -4.13 -10.44
N ILE C 184 21.54 -3.85 -10.09
CA ILE C 184 20.43 -4.58 -10.68
C ILE C 184 20.35 -4.25 -12.16
N VAL C 185 20.06 -5.27 -12.98
CA VAL C 185 19.92 -5.09 -14.42
C VAL C 185 18.55 -5.57 -14.85
N GLU C 186 17.98 -4.91 -15.85
CA GLU C 186 16.59 -5.09 -16.23
C GLU C 186 16.47 -5.48 -17.70
N THR C 187 15.51 -6.35 -17.98
CA THR C 187 15.10 -6.61 -19.36
C THR C 187 13.58 -6.61 -19.37
N HIS C 188 12.99 -6.22 -20.50
CA HIS C 188 11.58 -5.84 -20.50
C HIS C 188 11.06 -6.08 -21.91
N PHE C 189 10.32 -7.17 -22.10
CA PHE C 189 9.90 -7.54 -23.46
C PHE C 189 8.45 -8.02 -23.48
N THR C 190 8.00 -8.41 -24.67
CA THR C 190 6.61 -8.77 -24.91
C THR C 190 6.51 -10.03 -25.76
N PHE C 191 5.47 -10.82 -25.51
CA PHE C 191 5.23 -12.04 -26.25
C PHE C 191 3.76 -12.44 -26.15
N LYS C 192 3.06 -12.44 -27.29
CA LYS C 192 1.67 -12.88 -27.37
C LYS C 192 0.78 -12.12 -26.40
N ASP C 193 0.87 -10.79 -26.44
CA ASP C 193 0.03 -9.89 -25.65
C ASP C 193 0.21 -10.17 -24.15
N LEU C 194 1.36 -10.73 -23.80
CA LEU C 194 1.79 -10.85 -22.42
C LEU C 194 3.10 -10.10 -22.31
N HIS C 195 3.36 -9.53 -21.13
CA HIS C 195 4.45 -8.58 -20.99
C HIS C 195 5.37 -9.04 -19.87
N PHE C 196 6.58 -9.46 -20.23
CA PHE C 196 7.51 -10.03 -19.27
C PHE C 196 8.54 -9.00 -18.86
N LYS C 197 9.06 -9.17 -17.64
CA LYS C 197 10.02 -8.27 -17.04
C LYS C 197 10.97 -9.11 -16.21
N MET C 198 12.28 -8.94 -16.43
CA MET C 198 13.28 -9.93 -16.04
C MET C 198 14.41 -9.24 -15.31
N PHE C 199 14.73 -9.72 -14.10
CA PHE C 199 15.70 -9.08 -13.23
C PHE C 199 16.97 -9.92 -13.15
N ASP C 200 18.11 -9.28 -13.40
CA ASP C 200 19.40 -9.94 -13.35
C ASP C 200 20.25 -9.32 -12.25
N VAL C 201 20.82 -10.17 -11.40
CA VAL C 201 21.50 -9.77 -10.17
C VAL C 201 22.94 -10.24 -10.16
N GLY C 202 23.56 -10.33 -11.33
CA GLY C 202 24.89 -10.90 -11.41
C GLY C 202 25.95 -10.07 -10.72
N ALA C 203 25.85 -8.74 -10.83
CA ALA C 203 26.90 -7.83 -10.38
C ALA C 203 26.66 -7.31 -8.97
N GLN C 204 26.03 -8.10 -8.10
CA GLN C 204 25.82 -7.67 -6.72
C GLN C 204 26.96 -8.13 -5.82
N ARG C 205 27.22 -9.44 -5.80
CA ARG C 205 28.26 -10.09 -4.99
C ARG C 205 28.38 -9.55 -3.57
N SER C 206 27.25 -9.22 -2.96
CA SER C 206 27.14 -8.87 -1.55
C SER C 206 26.72 -10.12 -0.78
N GLU C 207 26.36 -9.93 0.49
CA GLU C 207 25.76 -11.02 1.26
C GLU C 207 24.33 -11.24 0.77
N ARG C 208 24.01 -12.49 0.46
CA ARG C 208 22.79 -12.79 -0.28
C ARG C 208 21.52 -12.66 0.56
N LYS C 209 21.56 -12.97 1.85
CA LYS C 209 20.34 -13.06 2.63
C LYS C 209 19.80 -11.70 3.05
N LYS C 210 20.52 -10.61 2.77
CA LYS C 210 20.05 -9.29 3.15
C LYS C 210 19.26 -8.59 2.05
N TRP C 211 19.15 -9.18 0.87
CA TRP C 211 18.32 -8.60 -0.18
C TRP C 211 17.55 -9.65 -0.98
N ILE C 212 17.61 -10.93 -0.60
CA ILE C 212 16.91 -11.97 -1.35
C ILE C 212 15.44 -12.08 -0.98
N HIS C 213 15.02 -11.44 0.12
CA HIS C 213 13.60 -11.39 0.45
C HIS C 213 12.88 -10.30 -0.33
N CYS C 214 13.60 -9.50 -1.12
CA CYS C 214 12.95 -8.50 -1.95
C CYS C 214 12.24 -9.15 -3.12
N PHE C 215 12.79 -10.24 -3.66
CA PHE C 215 12.20 -10.95 -4.79
C PHE C 215 11.29 -12.08 -4.31
N GLU C 216 10.37 -11.72 -3.43
CA GLU C 216 9.54 -12.72 -2.78
C GLU C 216 8.31 -13.09 -3.58
N GLY C 217 7.76 -12.15 -4.35
CA GLY C 217 6.57 -12.43 -5.12
C GLY C 217 6.81 -12.60 -6.61
N VAL C 218 8.03 -13.00 -6.99
CA VAL C 218 8.30 -13.25 -8.39
C VAL C 218 7.54 -14.48 -8.84
N THR C 219 7.11 -14.47 -10.11
CA THR C 219 6.37 -15.59 -10.66
C THR C 219 7.24 -16.83 -10.78
N ALA C 220 8.47 -16.67 -11.24
CA ALA C 220 9.35 -17.82 -11.46
C ALA C 220 10.80 -17.41 -11.40
N ILE C 221 11.65 -18.41 -11.20
CA ILE C 221 13.10 -18.24 -11.20
C ILE C 221 13.66 -19.01 -12.39
N ILE C 222 14.44 -18.32 -13.21
CA ILE C 222 15.03 -18.91 -14.41
C ILE C 222 16.49 -19.22 -14.10
N PHE C 223 16.84 -20.49 -14.02
CA PHE C 223 18.17 -20.93 -13.65
C PHE C 223 18.88 -21.46 -14.88
N CYS C 224 19.96 -20.80 -15.29
CA CYS C 224 20.74 -21.23 -16.44
C CYS C 224 21.99 -21.97 -15.99
N VAL C 225 22.12 -23.22 -16.41
CA VAL C 225 23.29 -24.04 -16.10
C VAL C 225 23.88 -24.56 -17.40
N ALA C 226 25.20 -24.72 -17.43
CA ALA C 226 25.93 -25.11 -18.62
C ALA C 226 26.46 -26.53 -18.43
N LEU C 227 25.90 -27.49 -19.16
CA LEU C 227 26.33 -28.87 -19.05
C LEU C 227 27.50 -29.21 -19.96
N SER C 228 27.91 -28.29 -20.83
CA SER C 228 29.09 -28.48 -21.65
C SER C 228 30.37 -28.13 -20.91
N ASP C 229 30.29 -27.96 -19.60
CA ASP C 229 31.42 -27.46 -18.83
C ASP C 229 31.57 -28.24 -17.53
N TYR C 230 31.32 -29.55 -17.57
CA TYR C 230 31.41 -30.38 -16.37
C TYR C 230 32.86 -30.69 -16.01
N ASP C 231 33.74 -30.78 -17.01
CA ASP C 231 35.13 -31.17 -16.76
C ASP C 231 35.95 -30.05 -16.12
N LEU C 232 35.78 -28.81 -16.59
CA LEU C 232 36.68 -27.74 -16.19
C LEU C 232 36.47 -27.37 -14.72
N VAL C 233 37.56 -26.99 -14.07
CA VAL C 233 37.56 -26.76 -12.64
C VAL C 233 37.56 -25.27 -12.36
N LEU C 234 37.32 -24.90 -11.10
CA LEU C 234 37.20 -23.49 -10.72
C LEU C 234 38.49 -22.74 -10.97
N ALA C 235 38.34 -21.50 -11.46
CA ALA C 235 39.50 -20.63 -11.64
C ALA C 235 40.15 -20.30 -10.30
N GLU C 236 39.33 -20.00 -9.29
CA GLU C 236 39.87 -19.72 -7.95
C GLU C 236 40.57 -20.94 -7.37
N ASP C 237 39.96 -22.12 -7.54
CA ASP C 237 40.47 -23.36 -6.95
C ASP C 237 40.44 -24.46 -8.00
N GLU C 238 41.60 -25.03 -8.27
CA GLU C 238 41.69 -26.15 -9.21
C GLU C 238 41.01 -27.41 -8.70
N GLU C 239 40.64 -27.45 -7.42
CA GLU C 239 40.08 -28.67 -6.85
C GLU C 239 38.64 -28.89 -7.29
N MET C 240 37.78 -27.90 -7.07
CA MET C 240 36.35 -28.03 -7.32
C MET C 240 35.99 -27.45 -8.68
N ASN C 241 35.03 -28.09 -9.35
CA ASN C 241 34.67 -27.76 -10.73
C ASN C 241 33.38 -26.96 -10.81
N ARG C 242 32.92 -26.77 -12.05
CA ARG C 242 31.66 -26.07 -12.32
C ARG C 242 30.47 -26.77 -11.67
N MET C 243 30.34 -28.08 -11.93
CA MET C 243 29.06 -28.76 -11.71
C MET C 243 28.68 -28.77 -10.24
N HIS C 244 29.62 -29.10 -9.35
CA HIS C 244 29.25 -29.24 -7.95
C HIS C 244 28.97 -27.88 -7.32
N ALA C 245 29.69 -26.84 -7.74
CA ALA C 245 29.37 -25.50 -7.27
C ALA C 245 27.98 -25.07 -7.72
N SER C 246 27.65 -25.33 -8.98
CA SER C 246 26.32 -24.99 -9.46
C SER C 246 25.24 -25.80 -8.75
N MET C 247 25.52 -27.06 -8.45
CA MET C 247 24.57 -27.89 -7.71
C MET C 247 24.34 -27.34 -6.31
N LYS C 248 25.42 -26.88 -5.66
CA LYS C 248 25.25 -26.27 -4.34
C LYS C 248 24.42 -25.00 -4.42
N LEU C 249 24.65 -24.18 -5.45
CA LEU C 249 23.87 -22.95 -5.59
C LEU C 249 22.40 -23.27 -5.82
N PHE C 250 22.11 -24.24 -6.68
CA PHE C 250 20.73 -24.65 -6.92
C PHE C 250 20.07 -25.16 -5.65
N ASP C 251 20.80 -25.97 -4.87
CA ASP C 251 20.28 -26.46 -3.60
C ASP C 251 19.96 -25.30 -2.67
N SER C 252 20.84 -24.31 -2.60
CA SER C 252 20.60 -23.17 -1.72
C SER C 252 19.36 -22.40 -2.14
N ILE C 253 19.19 -22.15 -3.44
CA ILE C 253 18.08 -21.32 -3.89
C ILE C 253 16.76 -22.07 -3.98
N CYS C 254 16.80 -23.41 -3.95
CA CYS C 254 15.57 -24.19 -4.04
C CYS C 254 14.88 -24.39 -2.71
N ASN C 255 15.62 -24.65 -1.64
CA ASN C 255 15.05 -24.93 -0.33
C ASN C 255 14.99 -23.69 0.56
N ASN C 256 15.05 -22.50 -0.03
CA ASN C 256 14.99 -21.28 0.74
C ASN C 256 13.58 -21.08 1.30
N LYS C 257 13.48 -20.32 2.39
CA LYS C 257 12.20 -20.14 3.06
C LYS C 257 11.31 -19.11 2.39
N TRP C 258 11.86 -18.26 1.53
CA TRP C 258 11.05 -17.28 0.81
C TRP C 258 10.52 -17.83 -0.51
N PHE C 259 11.10 -18.92 -1.00
CA PHE C 259 10.72 -19.48 -2.28
C PHE C 259 10.16 -20.88 -2.12
N THR C 260 9.32 -21.10 -1.10
CA THR C 260 8.78 -22.44 -0.88
C THR C 260 7.63 -22.77 -1.82
N ASP C 261 7.09 -21.78 -2.54
CA ASP C 261 6.04 -22.03 -3.51
C ASP C 261 6.28 -21.21 -4.78
N THR C 262 7.52 -21.16 -5.23
CA THR C 262 7.88 -20.47 -6.47
C THR C 262 8.54 -21.47 -7.40
N SER C 263 8.12 -21.49 -8.67
CA SER C 263 8.61 -22.48 -9.60
C SER C 263 9.96 -22.09 -10.20
N ILE C 264 10.65 -23.09 -10.72
CA ILE C 264 12.01 -22.96 -11.21
C ILE C 264 12.06 -23.54 -12.61
N ILE C 265 12.37 -22.70 -13.59
CA ILE C 265 12.63 -23.15 -14.95
C ILE C 265 14.13 -23.35 -15.10
N LEU C 266 14.54 -24.47 -15.69
CA LEU C 266 15.94 -24.88 -15.69
C LEU C 266 16.42 -25.06 -17.12
N PHE C 267 17.35 -24.21 -17.54
CA PHE C 267 17.86 -24.22 -18.91
C PHE C 267 19.24 -24.88 -18.93
N LEU C 268 19.36 -25.97 -19.68
CA LEU C 268 20.64 -26.64 -19.87
C LEU C 268 21.27 -26.15 -21.17
N ASN C 269 22.41 -25.47 -21.06
CA ASN C 269 22.96 -24.67 -22.15
C ASN C 269 24.12 -25.38 -22.84
N LYS C 270 24.31 -25.02 -24.11
CA LYS C 270 25.45 -25.46 -24.90
C LYS C 270 25.48 -26.98 -25.06
N LYS C 271 24.46 -27.53 -25.73
CA LYS C 271 24.42 -28.96 -25.97
C LYS C 271 25.20 -29.37 -27.22
N ASP C 272 25.84 -28.42 -27.92
CA ASP C 272 26.73 -28.80 -29.00
C ASP C 272 28.09 -29.24 -28.46
N LEU C 273 28.69 -28.41 -27.61
CA LEU C 273 30.02 -28.71 -27.08
C LEU C 273 30.02 -29.97 -26.23
N PHE C 274 28.91 -30.27 -25.55
CA PHE C 274 28.79 -31.52 -24.82
C PHE C 274 28.93 -32.72 -25.75
N GLU C 275 28.28 -32.65 -26.92
CA GLU C 275 28.35 -33.75 -27.88
C GLU C 275 29.79 -34.09 -28.26
N GLU C 276 30.59 -33.06 -28.56
CA GLU C 276 31.96 -33.30 -29.02
C GLU C 276 32.92 -33.47 -27.85
N LYS C 277 32.50 -33.14 -26.63
CA LYS C 277 33.39 -33.28 -25.47
C LYS C 277 33.20 -34.60 -24.74
N ILE C 278 32.02 -35.22 -24.85
CA ILE C 278 31.76 -36.43 -24.09
C ILE C 278 32.54 -37.61 -24.67
N LYS C 279 32.92 -37.54 -25.95
CA LYS C 279 33.58 -38.68 -26.59
C LYS C 279 34.96 -38.94 -26.00
N LYS C 280 35.74 -37.87 -25.73
CA LYS C 280 37.10 -38.06 -25.25
C LYS C 280 37.12 -38.45 -23.77
N SER C 281 36.63 -37.56 -22.91
CA SER C 281 36.76 -37.74 -21.47
C SER C 281 35.51 -38.39 -20.89
N PRO C 282 35.61 -39.55 -20.25
CA PRO C 282 34.47 -40.10 -19.52
C PRO C 282 34.12 -39.19 -18.34
N LEU C 283 32.82 -39.17 -18.00
CA LEU C 283 32.33 -38.25 -16.98
C LEU C 283 32.64 -38.73 -15.57
N THR C 284 33.31 -39.87 -15.41
CA THR C 284 33.66 -40.36 -14.08
C THR C 284 34.57 -39.38 -13.34
N ILE C 285 35.23 -38.46 -14.06
CA ILE C 285 35.95 -37.38 -13.40
C ILE C 285 34.97 -36.55 -12.57
N CYS C 286 33.82 -36.21 -13.15
CA CYS C 286 32.81 -35.45 -12.44
C CYS C 286 31.81 -36.34 -11.69
N TYR C 287 31.49 -37.50 -12.23
CA TYR C 287 30.53 -38.43 -11.62
C TYR C 287 31.19 -39.80 -11.50
N PRO C 288 31.98 -40.02 -10.44
CA PRO C 288 32.68 -41.31 -10.31
C PRO C 288 31.75 -42.51 -10.21
N GLU C 289 30.57 -42.33 -9.62
CA GLU C 289 29.70 -43.47 -9.32
C GLU C 289 28.76 -43.83 -10.46
N TYR C 290 28.83 -43.16 -11.61
CA TYR C 290 27.89 -43.40 -12.69
C TYR C 290 28.41 -44.47 -13.64
N ALA C 291 27.51 -45.35 -14.07
CA ALA C 291 27.81 -46.42 -15.01
C ALA C 291 27.07 -46.13 -16.32
N GLY C 292 27.81 -45.72 -17.34
CA GLY C 292 27.22 -45.42 -18.63
C GLY C 292 28.20 -45.67 -19.76
N SER C 293 27.68 -45.54 -20.98
CA SER C 293 28.47 -45.76 -22.19
C SER C 293 29.07 -44.48 -22.74
N ASN C 294 28.91 -43.34 -22.05
CA ASN C 294 29.44 -42.05 -22.49
C ASN C 294 28.87 -41.65 -23.85
N THR C 295 27.55 -41.57 -23.93
CA THR C 295 26.86 -41.05 -25.10
C THR C 295 26.03 -39.84 -24.69
N TYR C 296 25.31 -39.26 -25.65
CA TYR C 296 24.68 -37.96 -25.43
C TYR C 296 23.42 -38.09 -24.58
N GLU C 297 22.43 -38.88 -25.05
CA GLU C 297 21.12 -38.84 -24.44
C GLU C 297 21.11 -39.40 -23.02
N GLU C 298 21.82 -40.50 -22.77
CA GLU C 298 21.80 -41.07 -21.43
C GLU C 298 22.51 -40.17 -20.44
N ALA C 299 23.61 -39.54 -20.85
CA ALA C 299 24.30 -38.59 -19.98
C ALA C 299 23.42 -37.37 -19.70
N ALA C 300 22.73 -36.85 -20.72
CA ALA C 300 21.86 -35.70 -20.50
C ALA C 300 20.74 -36.05 -19.53
N ALA C 301 20.13 -37.23 -19.69
CA ALA C 301 19.09 -37.65 -18.76
C ALA C 301 19.64 -37.80 -17.34
N TYR C 302 20.86 -38.34 -17.21
CA TYR C 302 21.45 -38.48 -15.89
C TYR C 302 21.66 -37.12 -15.25
N ILE C 303 22.13 -36.14 -16.02
CA ILE C 303 22.36 -34.81 -15.47
C ILE C 303 21.04 -34.18 -15.03
N GLN C 304 20.00 -34.28 -15.85
CA GLN C 304 18.74 -33.63 -15.49
C GLN C 304 18.12 -34.29 -14.28
N CYS C 305 18.20 -35.62 -14.18
CA CYS C 305 17.64 -36.29 -13.01
C CYS C 305 18.43 -35.94 -11.75
N GLN C 306 19.75 -35.83 -11.87
CA GLN C 306 20.55 -35.43 -10.71
C GLN C 306 20.21 -34.02 -10.25
N PHE C 307 19.86 -33.14 -11.20
CA PHE C 307 19.45 -31.78 -10.80
C PHE C 307 18.05 -31.77 -10.21
N GLU C 308 17.12 -32.50 -10.79
CA GLU C 308 15.75 -32.49 -10.29
C GLU C 308 15.61 -33.22 -8.97
N ASP C 309 16.58 -34.07 -8.62
CA ASP C 309 16.53 -34.80 -7.37
C ASP C 309 16.68 -33.88 -6.16
N LEU C 310 17.48 -32.82 -6.27
CA LEU C 310 17.77 -31.93 -5.15
C LEU C 310 16.53 -31.26 -4.58
N ASN C 311 15.43 -31.21 -5.33
CA ASN C 311 14.18 -30.68 -4.83
C ASN C 311 13.74 -31.42 -3.58
N LYS C 312 13.30 -30.67 -2.57
CA LYS C 312 12.94 -31.27 -1.29
C LYS C 312 11.48 -31.05 -0.90
N ARG C 313 10.67 -30.47 -1.79
CA ARG C 313 9.26 -30.28 -1.51
C ARG C 313 8.37 -31.19 -2.33
N LYS C 314 8.51 -31.18 -3.66
CA LYS C 314 7.85 -32.11 -4.57
C LYS C 314 6.33 -31.95 -4.57
N ASP C 315 5.81 -31.02 -3.79
CA ASP C 315 4.37 -30.79 -3.69
C ASP C 315 3.98 -29.37 -4.06
N THR C 316 4.66 -28.37 -3.52
CA THR C 316 4.35 -26.97 -3.73
C THR C 316 5.38 -26.30 -4.65
N LYS C 317 5.91 -27.08 -5.59
CA LYS C 317 7.03 -26.65 -6.43
C LYS C 317 7.17 -27.65 -7.56
N GLU C 318 7.52 -27.16 -8.73
CA GLU C 318 7.87 -28.02 -9.86
C GLU C 318 9.11 -27.45 -10.53
N ILE C 319 9.88 -28.33 -11.15
CA ILE C 319 11.15 -27.94 -11.77
C ILE C 319 11.14 -28.36 -13.23
N TYR C 320 10.76 -27.43 -14.10
CA TYR C 320 10.76 -27.70 -15.53
C TYR C 320 12.18 -27.76 -16.05
N THR C 321 12.36 -28.42 -17.18
CA THR C 321 13.68 -28.60 -17.78
C THR C 321 13.58 -28.54 -19.30
N HIS C 322 14.57 -27.93 -19.92
CA HIS C 322 14.60 -27.78 -21.36
C HIS C 322 16.05 -27.68 -21.82
N PHE C 323 16.40 -28.45 -22.84
CA PHE C 323 17.76 -28.47 -23.38
C PHE C 323 17.90 -27.37 -24.42
N THR C 324 18.63 -26.31 -24.08
CA THR C 324 18.80 -25.20 -25.00
C THR C 324 20.09 -25.35 -25.79
N CYS C 325 20.41 -24.35 -26.59
CA CYS C 325 21.51 -24.35 -27.54
C CYS C 325 21.57 -22.97 -28.17
N SER C 326 22.73 -22.62 -28.71
CA SER C 326 22.81 -21.47 -29.58
C SER C 326 22.00 -21.73 -30.84
N THR C 327 21.40 -20.68 -31.40
CA THR C 327 20.54 -20.78 -32.58
C THR C 327 19.36 -21.73 -32.32
N ASP C 328 18.51 -21.35 -31.38
CA ASP C 328 17.30 -22.10 -31.06
C ASP C 328 16.03 -21.39 -31.46
N THR C 329 15.86 -20.13 -31.07
CA THR C 329 14.70 -19.30 -31.37
C THR C 329 13.43 -19.81 -30.69
N LYS C 330 13.52 -20.92 -29.97
CA LYS C 330 12.37 -21.58 -29.37
C LYS C 330 12.38 -21.49 -27.85
N ASN C 331 13.23 -20.64 -27.29
CA ASN C 331 13.41 -20.54 -25.85
C ASN C 331 12.47 -19.54 -25.20
N VAL C 332 11.54 -18.96 -25.96
CA VAL C 332 10.51 -18.10 -25.41
C VAL C 332 9.20 -18.86 -25.23
N GLN C 333 8.90 -19.79 -26.12
CA GLN C 333 7.72 -20.64 -25.99
C GLN C 333 7.74 -21.43 -24.69
N PHE C 334 8.88 -21.99 -24.31
CA PHE C 334 8.96 -22.79 -23.09
C PHE C 334 8.62 -21.96 -21.85
N VAL C 335 9.17 -20.74 -21.78
CA VAL C 335 8.87 -19.87 -20.65
C VAL C 335 7.39 -19.50 -20.64
N PHE C 336 6.81 -19.26 -21.82
CA PHE C 336 5.40 -18.93 -21.89
C PHE C 336 4.54 -20.06 -21.37
N ASP C 337 4.84 -21.30 -21.77
CA ASP C 337 4.09 -22.45 -21.29
C ASP C 337 4.22 -22.59 -19.77
N ALA C 338 5.44 -22.47 -19.26
CA ALA C 338 5.66 -22.67 -17.83
C ALA C 338 4.95 -21.60 -17.01
N VAL C 339 4.94 -20.36 -17.48
CA VAL C 339 4.29 -19.33 -16.68
C VAL C 339 2.78 -19.41 -16.81
N THR C 340 2.25 -19.87 -17.96
CA THR C 340 0.81 -20.13 -18.03
C THR C 340 0.40 -21.20 -17.04
N ASP C 341 1.20 -22.26 -16.92
CA ASP C 341 0.93 -23.29 -15.92
C ASP C 341 0.94 -22.72 -14.51
N VAL C 342 1.97 -21.93 -14.19
CA VAL C 342 2.08 -21.37 -12.84
C VAL C 342 0.88 -20.47 -12.54
N ILE C 343 0.47 -19.67 -13.53
CA ILE C 343 -0.65 -18.75 -13.32
C ILE C 343 -1.96 -19.50 -13.16
N ILE C 344 -2.16 -20.56 -13.93
CA ILE C 344 -3.37 -21.37 -13.79
C ILE C 344 -3.46 -21.95 -12.39
N LYS C 345 -2.35 -22.49 -11.88
CA LYS C 345 -2.39 -23.07 -10.55
C LYS C 345 -2.56 -22.01 -9.47
N ASN C 346 -2.01 -20.82 -9.68
CA ASN C 346 -2.25 -19.72 -8.75
C ASN C 346 -3.73 -19.34 -8.72
N ASN C 347 -4.36 -19.27 -9.89
CA ASN C 347 -5.79 -18.95 -9.94
C ASN C 347 -6.62 -20.03 -9.24
N LEU C 348 -6.33 -21.30 -9.51
CA LEU C 348 -7.03 -22.37 -8.81
C LEU C 348 -6.85 -22.27 -7.31
N LYS C 349 -5.64 -21.92 -6.86
CA LYS C 349 -5.39 -21.74 -5.44
C LYS C 349 -6.22 -20.61 -4.86
N ASP C 350 -6.38 -19.52 -5.60
CA ASP C 350 -7.03 -18.33 -5.05
C ASP C 350 -8.50 -18.60 -4.69
N CYS C 351 -9.25 -19.26 -5.59
CA CYS C 351 -10.66 -19.49 -5.35
C CYS C 351 -10.92 -20.68 -4.44
N GLY C 352 -9.86 -21.35 -4.00
CA GLY C 352 -10.00 -22.42 -3.03
C GLY C 352 -10.32 -23.77 -3.66
N LEU C 353 -10.65 -23.76 -4.96
CA LEU C 353 -10.99 -25.00 -5.64
C LEU C 353 -9.83 -25.97 -5.68
N PHE C 354 -8.60 -25.49 -5.52
CA PHE C 354 -7.42 -26.34 -5.59
C PHE C 354 -7.29 -27.22 -4.35
N VAL D 2 8.45 30.42 -16.15
CA VAL D 2 7.04 30.52 -15.78
C VAL D 2 6.42 31.77 -16.36
N GLN D 3 5.25 31.63 -16.99
CA GLN D 3 4.54 32.78 -17.50
C GLN D 3 3.13 32.40 -17.89
N LEU D 4 2.24 33.39 -17.80
CA LEU D 4 0.84 33.31 -18.17
C LEU D 4 0.52 34.49 -19.06
N VAL D 5 0.08 34.23 -20.29
CA VAL D 5 -0.24 35.30 -21.21
C VAL D 5 -1.67 35.11 -21.69
N GLU D 6 -2.56 36.04 -21.35
CA GLU D 6 -3.94 35.93 -21.78
C GLU D 6 -4.28 37.00 -22.82
N SER D 7 -5.32 36.70 -23.59
CA SER D 7 -5.80 37.59 -24.63
C SER D 7 -7.31 37.40 -24.78
N GLY D 8 -7.91 38.30 -25.55
CA GLY D 8 -9.33 38.20 -25.84
C GLY D 8 -10.06 39.53 -25.73
N GLY D 9 -9.40 40.55 -25.18
CA GLY D 9 -10.05 41.80 -24.91
C GLY D 9 -10.31 42.63 -26.16
N GLY D 10 -11.10 43.67 -25.98
CA GLY D 10 -11.45 44.57 -27.06
C GLY D 10 -12.72 45.33 -26.72
N LEU D 11 -13.24 46.04 -27.72
CA LEU D 11 -14.43 46.87 -27.56
C LEU D 11 -15.62 46.17 -28.20
N VAL D 12 -16.66 45.94 -27.41
CA VAL D 12 -17.85 45.21 -27.84
C VAL D 12 -19.09 46.00 -27.42
N GLN D 13 -20.20 45.70 -28.09
CA GLN D 13 -21.46 46.40 -27.88
C GLN D 13 -22.11 45.89 -26.59
N PRO D 14 -23.07 46.64 -26.05
CA PRO D 14 -23.74 46.17 -24.82
C PRO D 14 -24.41 44.82 -24.96
N GLY D 15 -25.00 44.54 -26.12
CA GLY D 15 -25.58 43.23 -26.36
C GLY D 15 -24.62 42.34 -27.11
N GLY D 16 -23.91 41.47 -26.39
CA GLY D 16 -22.97 40.59 -27.04
C GLY D 16 -22.36 39.61 -26.05
N SER D 17 -21.57 38.69 -26.61
CA SER D 17 -20.86 37.68 -25.84
C SER D 17 -19.43 37.59 -26.39
N ARG D 18 -18.51 37.13 -25.56
CA ARG D 18 -17.11 37.12 -25.99
C ARG D 18 -16.34 36.17 -25.08
N LYS D 19 -15.07 35.96 -25.40
CA LYS D 19 -14.27 34.92 -24.74
C LYS D 19 -12.88 35.47 -24.42
N LEU D 20 -12.30 34.97 -23.34
CA LEU D 20 -10.92 35.27 -22.96
C LEU D 20 -10.17 33.96 -22.73
N SER D 21 -8.90 33.92 -23.13
CA SER D 21 -8.11 32.70 -23.00
C SER D 21 -6.71 33.05 -22.51
N CYS D 22 -6.17 32.23 -21.60
CA CYS D 22 -4.81 32.40 -21.11
C CYS D 22 -3.99 31.16 -21.44
N SER D 23 -2.74 31.40 -21.84
CA SER D 23 -1.78 30.37 -22.19
C SER D 23 -0.70 30.32 -21.12
N ALA D 24 -0.44 29.12 -20.61
CA ALA D 24 0.35 28.92 -19.40
C ALA D 24 1.60 28.11 -19.72
N SER D 25 2.72 28.80 -19.94
CA SER D 25 3.95 28.12 -20.33
C SER D 25 4.99 28.25 -19.22
N GLY D 26 5.51 27.12 -18.77
CA GLY D 26 6.60 27.16 -17.81
C GLY D 26 6.46 26.23 -16.63
N PHE D 27 5.24 25.90 -16.23
CA PHE D 27 5.01 25.10 -15.02
C PHE D 27 4.04 23.96 -15.31
N ALA D 28 3.67 23.24 -14.26
CA ALA D 28 2.77 22.08 -14.35
C ALA D 28 1.32 22.56 -14.20
N PHE D 29 0.80 23.09 -15.30
CA PHE D 29 -0.54 23.68 -15.32
C PHE D 29 -1.63 22.73 -14.83
N SER D 30 -1.36 21.43 -14.75
CA SER D 30 -2.39 20.47 -14.45
C SER D 30 -2.53 20.18 -12.97
N SER D 31 -1.78 20.86 -12.11
CA SER D 31 -1.95 20.71 -10.66
C SER D 31 -2.05 22.07 -10.00
N PHE D 32 -2.70 23.01 -10.68
CA PHE D 32 -2.78 24.39 -10.18
C PHE D 32 -4.22 24.88 -10.37
N GLY D 33 -4.90 25.16 -9.26
CA GLY D 33 -6.19 25.83 -9.36
C GLY D 33 -6.03 27.23 -9.91
N MET D 34 -7.06 27.71 -10.59
CA MET D 34 -6.92 28.96 -11.31
C MET D 34 -8.08 29.89 -11.06
N HIS D 35 -7.75 31.16 -10.82
CA HIS D 35 -8.68 32.22 -10.50
C HIS D 35 -8.72 33.23 -11.65
N TRP D 36 -9.86 33.90 -11.78
CA TRP D 36 -9.95 35.12 -12.57
C TRP D 36 -10.39 36.26 -11.66
N VAL D 37 -9.68 37.39 -11.79
CA VAL D 37 -9.82 38.56 -10.92
C VAL D 37 -9.90 39.80 -11.80
N ARG D 38 -10.77 40.74 -11.46
CA ARG D 38 -10.99 41.91 -12.29
C ARG D 38 -10.62 43.17 -11.52
N GLN D 39 -10.30 44.23 -12.27
CA GLN D 39 -10.02 45.53 -11.67
C GLN D 39 -10.65 46.62 -12.53
N ALA D 40 -11.50 47.43 -11.91
CA ALA D 40 -12.24 48.46 -12.63
C ALA D 40 -11.31 49.63 -12.96
N PRO D 41 -11.70 50.48 -13.92
CA PRO D 41 -10.88 51.66 -14.23
C PRO D 41 -10.93 52.67 -13.10
N GLU D 42 -9.78 52.89 -12.47
CA GLU D 42 -9.64 53.77 -11.30
C GLU D 42 -10.54 53.30 -10.16
N LYS D 43 -10.30 52.05 -9.75
CA LYS D 43 -11.00 51.45 -8.62
C LYS D 43 -10.25 50.18 -8.23
N GLY D 44 -10.54 49.70 -7.03
CA GLY D 44 -9.90 48.49 -6.57
C GLY D 44 -10.32 47.27 -7.34
N LEU D 45 -9.75 46.12 -6.97
CA LEU D 45 -9.89 44.88 -7.73
C LEU D 45 -10.68 43.86 -6.92
N GLU D 46 -11.54 43.10 -7.59
CA GLU D 46 -12.42 42.13 -6.95
C GLU D 46 -12.42 40.79 -7.67
N TRP D 47 -12.60 39.72 -6.89
CA TRP D 47 -12.55 38.35 -7.38
C TRP D 47 -13.74 38.04 -8.27
N VAL D 48 -13.52 37.17 -9.26
CA VAL D 48 -14.54 36.85 -10.26
C VAL D 48 -14.88 35.37 -10.30
N ALA D 49 -13.87 34.50 -10.37
CA ALA D 49 -14.23 33.09 -10.55
C ALA D 49 -13.05 32.20 -10.16
N TYR D 50 -13.37 30.93 -9.91
CA TYR D 50 -12.36 29.95 -9.54
C TYR D 50 -12.71 28.59 -10.10
N ILE D 51 -11.71 27.92 -10.69
CA ILE D 51 -11.86 26.55 -11.19
C ILE D 51 -10.72 25.70 -10.65
N SER D 52 -11.07 24.53 -10.12
CA SER D 52 -10.15 23.71 -9.34
C SER D 52 -9.13 23.04 -10.24
N SER D 53 -8.31 22.17 -9.64
CA SER D 53 -7.46 21.26 -10.39
C SER D 53 -8.25 19.98 -10.62
N GLY D 54 -8.34 19.54 -11.87
CA GLY D 54 -9.19 18.44 -12.23
C GLY D 54 -10.62 18.82 -12.53
N SER D 55 -10.90 20.12 -12.73
CA SER D 55 -12.21 20.62 -13.14
C SER D 55 -13.33 20.20 -12.19
N GLY D 56 -12.98 19.76 -10.99
CA GLY D 56 -14.01 19.25 -10.09
C GLY D 56 -14.96 20.32 -9.59
N THR D 57 -14.43 21.37 -8.95
CA THR D 57 -15.24 22.38 -8.30
C THR D 57 -15.09 23.72 -9.01
N ILE D 58 -16.19 24.43 -9.17
CA ILE D 58 -16.22 25.75 -9.78
C ILE D 58 -17.02 26.68 -8.89
N TYR D 59 -16.44 27.84 -8.60
CA TYR D 59 -17.12 28.87 -7.80
C TYR D 59 -17.19 30.17 -8.58
N TYR D 60 -18.28 30.90 -8.36
CA TYR D 60 -18.56 32.12 -9.08
C TYR D 60 -18.81 33.26 -8.09
N ALA D 61 -19.07 34.44 -8.63
CA ALA D 61 -19.44 35.59 -7.82
C ALA D 61 -20.95 35.82 -7.94
N ASP D 62 -21.58 36.22 -6.84
CA ASP D 62 -23.03 36.39 -6.85
C ASP D 62 -23.47 37.40 -7.89
N THR D 63 -22.61 38.37 -8.22
CA THR D 63 -22.96 39.35 -9.23
C THR D 63 -22.84 38.81 -10.65
N VAL D 64 -22.28 37.61 -10.83
CA VAL D 64 -21.90 37.18 -12.16
C VAL D 64 -22.44 35.78 -12.44
N LYS D 65 -22.99 35.13 -11.42
CA LYS D 65 -23.48 33.77 -11.59
C LYS D 65 -24.64 33.75 -12.57
N GLY D 66 -24.57 32.82 -13.52
CA GLY D 66 -25.56 32.71 -14.57
C GLY D 66 -25.19 33.37 -15.88
N ARG D 67 -24.01 33.99 -15.96
CA ARG D 67 -23.56 34.63 -17.18
C ARG D 67 -22.14 34.26 -17.60
N PHE D 68 -21.32 33.76 -16.69
CA PHE D 68 -19.93 33.47 -16.98
C PHE D 68 -19.67 31.97 -16.85
N THR D 69 -18.90 31.42 -17.78
CA THR D 69 -18.52 30.02 -17.74
C THR D 69 -17.00 29.90 -17.78
N ILE D 70 -16.44 29.11 -16.87
CA ILE D 70 -14.99 28.95 -16.79
C ILE D 70 -14.65 27.51 -17.15
N SER D 71 -13.59 27.34 -17.93
CA SER D 71 -13.22 26.02 -18.43
C SER D 71 -11.72 25.97 -18.68
N ARG D 72 -11.19 24.77 -18.83
CA ARG D 72 -9.78 24.58 -19.13
C ARG D 72 -9.60 23.95 -20.51
N ASP D 73 -8.34 23.82 -20.91
CA ASP D 73 -7.93 22.88 -21.97
C ASP D 73 -6.62 22.28 -21.48
N ASP D 74 -6.70 21.18 -20.77
CA ASP D 74 -5.59 20.73 -19.94
C ASP D 74 -4.42 20.17 -20.76
N PRO D 75 -4.64 19.36 -21.79
CA PRO D 75 -3.49 18.95 -22.62
C PRO D 75 -2.72 20.11 -23.21
N LYS D 76 -3.41 21.15 -23.67
CA LYS D 76 -2.79 22.23 -24.41
C LYS D 76 -2.41 23.43 -23.54
N ASN D 77 -2.71 23.38 -22.24
CA ASN D 77 -2.35 24.44 -21.29
C ASN D 77 -2.94 25.78 -21.71
N THR D 78 -4.26 25.83 -21.72
CA THR D 78 -4.98 27.04 -22.09
C THR D 78 -6.33 27.05 -21.39
N LEU D 79 -6.63 28.14 -20.68
CA LEU D 79 -7.81 28.22 -19.85
C LEU D 79 -8.71 29.37 -20.32
N PHE D 80 -10.01 29.10 -20.38
CA PHE D 80 -11.00 29.97 -21.01
C PHE D 80 -12.01 30.50 -20.01
N LEU D 81 -12.48 31.72 -20.28
CA LEU D 81 -13.64 32.30 -19.61
C LEU D 81 -14.57 32.86 -20.67
N GLN D 82 -15.83 32.46 -20.61
CA GLN D 82 -16.85 32.74 -21.62
C GLN D 82 -17.91 33.65 -21.00
N MET D 83 -18.13 34.80 -21.62
CA MET D 83 -19.04 35.83 -21.10
C MET D 83 -20.21 35.95 -22.05
N THR D 84 -21.43 35.75 -21.54
CA THR D 84 -22.59 35.66 -22.43
C THR D 84 -23.47 36.91 -22.41
N SER D 85 -23.39 37.74 -21.38
CA SER D 85 -24.10 39.02 -21.38
C SER D 85 -23.20 40.07 -20.78
N LEU D 86 -23.03 41.19 -21.51
CA LEU D 86 -22.04 42.19 -21.14
C LEU D 86 -22.76 43.50 -20.82
N ARG D 87 -23.01 43.73 -19.54
CA ARG D 87 -23.58 44.99 -19.07
C ARG D 87 -22.52 46.09 -19.20
N SER D 88 -22.99 47.35 -19.16
CA SER D 88 -22.11 48.48 -19.36
C SER D 88 -21.17 48.72 -18.19
N GLU D 89 -21.39 48.04 -17.06
CA GLU D 89 -20.50 48.15 -15.90
C GLU D 89 -19.54 46.97 -15.82
N ASP D 90 -19.43 46.20 -16.90
CA ASP D 90 -18.51 45.08 -16.94
C ASP D 90 -17.14 45.45 -17.50
N THR D 91 -16.92 46.70 -17.91
CA THR D 91 -15.61 47.12 -18.37
C THR D 91 -14.61 47.09 -17.22
N ALA D 92 -13.45 46.49 -17.46
CA ALA D 92 -12.44 46.29 -16.43
C ALA D 92 -11.15 45.85 -17.11
N MET D 93 -10.20 45.41 -16.30
CA MET D 93 -9.02 44.71 -16.79
C MET D 93 -8.91 43.41 -16.02
N TYR D 94 -8.70 42.31 -16.75
CA TYR D 94 -8.82 40.97 -16.21
C TYR D 94 -7.44 40.35 -16.01
N TYR D 95 -7.26 39.68 -14.89
CA TYR D 95 -6.03 39.02 -14.50
C TYR D 95 -6.35 37.57 -14.20
N CYS D 96 -5.40 36.70 -14.50
CA CYS D 96 -5.52 35.29 -14.24
C CYS D 96 -4.48 34.89 -13.22
N VAL D 97 -4.90 34.12 -12.23
CA VAL D 97 -4.05 33.93 -11.06
C VAL D 97 -3.88 32.45 -10.77
N ARG D 98 -2.63 32.05 -10.63
CA ARG D 98 -2.21 30.75 -10.17
C ARG D 98 -2.58 30.57 -8.71
N SER D 99 -2.86 29.32 -8.31
CA SER D 99 -2.97 29.04 -6.89
C SER D 99 -2.92 27.55 -6.62
N ILE D 100 -2.11 27.14 -5.65
CA ILE D 100 -1.93 25.73 -5.33
C ILE D 100 -2.14 25.54 -3.83
N TYR D 101 -2.95 24.55 -3.46
CA TYR D 101 -3.32 24.32 -2.07
C TYR D 101 -2.84 22.95 -1.60
N TYR D 102 -1.97 22.95 -0.61
CA TYR D 102 -1.60 21.79 0.18
C TYR D 102 -0.94 22.33 1.44
N TYR D 103 -0.57 21.44 2.35
CA TYR D 103 -0.01 21.92 3.60
C TYR D 103 1.31 22.64 3.37
N GLY D 104 1.37 23.92 3.74
CA GLY D 104 2.56 24.72 3.56
C GLY D 104 2.65 25.47 2.25
N SER D 105 1.55 25.62 1.54
CA SER D 105 1.57 26.21 0.20
C SER D 105 1.65 27.73 0.31
N SER D 106 1.44 28.39 -0.83
CA SER D 106 1.41 29.85 -0.87
C SER D 106 0.57 30.28 -2.06
N PRO D 107 -0.76 30.26 -1.93
CA PRO D 107 -1.61 30.62 -3.06
C PRO D 107 -1.37 32.04 -3.54
N PHE D 108 -1.74 32.27 -4.80
CA PHE D 108 -1.68 33.57 -5.45
C PHE D 108 -0.25 34.03 -5.71
N ASP D 109 0.65 33.08 -5.99
CA ASP D 109 2.05 33.36 -6.27
C ASP D 109 2.26 34.24 -7.50
N PHE D 110 1.87 33.76 -8.67
CA PHE D 110 2.13 34.42 -9.93
C PHE D 110 0.81 34.94 -10.50
N TRP D 111 0.86 36.14 -11.05
CA TRP D 111 -0.35 36.93 -11.25
C TRP D 111 -0.50 37.40 -12.68
N GLY D 112 -0.24 36.54 -13.65
CA GLY D 112 -0.58 36.86 -15.02
C GLY D 112 -0.07 38.19 -15.51
N GLN D 113 -0.68 38.74 -16.55
CA GLN D 113 -0.22 40.04 -17.04
C GLN D 113 -1.35 41.02 -17.30
N GLY D 114 -2.56 40.54 -17.53
CA GLY D 114 -3.69 41.43 -17.64
C GLY D 114 -4.15 41.61 -19.08
N THR D 115 -5.46 41.75 -19.25
CA THR D 115 -6.06 42.04 -20.54
C THR D 115 -7.24 42.99 -20.35
N THR D 116 -7.20 44.11 -21.06
CA THR D 116 -8.25 45.11 -20.93
C THR D 116 -9.53 44.65 -21.62
N LEU D 117 -10.66 45.17 -21.15
CA LEU D 117 -11.93 44.94 -21.82
C LEU D 117 -12.83 46.13 -21.54
N THR D 118 -13.27 46.80 -22.60
CA THR D 118 -14.20 47.92 -22.51
C THR D 118 -15.53 47.51 -23.11
N VAL D 119 -16.61 48.06 -22.56
CA VAL D 119 -17.97 47.76 -23.01
C VAL D 119 -18.61 49.08 -23.41
N SER D 120 -19.19 49.12 -24.60
CA SER D 120 -19.84 50.33 -25.08
C SER D 120 -21.07 50.66 -24.25
N SER D 121 -21.40 51.95 -24.21
CA SER D 121 -22.58 52.39 -23.49
C SER D 121 -23.51 53.18 -24.41
N SER D 136 -23.49 37.55 5.33
CA SER D 136 -23.36 37.79 3.89
C SER D 136 -21.92 37.62 3.43
N ASP D 137 -21.28 38.72 3.04
CA ASP D 137 -19.91 38.69 2.55
C ASP D 137 -19.00 39.45 3.50
N ILE D 138 -17.92 38.79 3.93
CA ILE D 138 -17.01 39.38 4.91
C ILE D 138 -16.49 40.71 4.37
N VAL D 139 -16.70 41.77 5.12
CA VAL D 139 -16.36 43.11 4.69
C VAL D 139 -15.01 43.49 5.26
N MET D 140 -14.10 43.92 4.39
CA MET D 140 -12.77 44.37 4.77
C MET D 140 -12.64 45.84 4.43
N THR D 141 -12.09 46.63 5.35
CA THR D 141 -12.05 48.07 5.18
C THR D 141 -10.67 48.60 5.55
N GLN D 142 -10.16 49.52 4.73
CA GLN D 142 -8.89 50.18 4.98
C GLN D 142 -9.16 51.66 5.20
N ALA D 143 -8.88 52.14 6.42
CA ALA D 143 -9.33 53.47 6.82
C ALA D 143 -8.63 54.57 6.01
N THR D 144 -7.30 54.51 5.94
CA THR D 144 -6.55 55.55 5.26
C THR D 144 -6.54 55.30 3.76
N SER D 145 -6.51 56.37 2.97
CA SER D 145 -6.46 56.29 1.52
C SER D 145 -5.16 56.80 0.94
N SER D 146 -4.36 57.56 1.70
CA SER D 146 -3.08 58.04 1.21
C SER D 146 -2.17 58.33 2.39
N VAL D 147 -0.93 57.88 2.30
CA VAL D 147 0.05 58.06 3.38
C VAL D 147 1.32 58.69 2.81
N PRO D 148 1.47 60.02 2.84
CA PRO D 148 2.73 60.63 2.42
C PRO D 148 3.87 60.20 3.32
N VAL D 149 5.06 60.07 2.74
CA VAL D 149 6.22 59.51 3.42
C VAL D 149 7.49 59.88 2.67
N THR D 150 8.62 59.83 3.37
CA THR D 150 9.96 60.07 2.86
C THR D 150 10.82 58.82 3.06
N PRO D 151 11.82 58.59 2.19
CA PRO D 151 12.65 57.39 2.33
C PRO D 151 13.36 57.36 3.67
N GLY D 152 13.55 56.15 4.19
CA GLY D 152 14.30 55.91 5.41
C GLY D 152 13.48 55.76 6.67
N GLU D 153 12.18 56.02 6.63
CA GLU D 153 11.33 55.95 7.81
C GLU D 153 10.25 54.89 7.62
N SER D 154 9.80 54.32 8.74
CA SER D 154 8.86 53.21 8.71
C SER D 154 7.45 53.69 8.33
N VAL D 155 6.64 52.75 7.85
CA VAL D 155 5.25 53.02 7.52
C VAL D 155 4.40 51.88 8.06
N SER D 156 3.17 52.22 8.47
CA SER D 156 2.22 51.23 8.96
C SER D 156 0.88 51.40 8.24
N ILE D 157 0.32 50.29 7.78
CA ILE D 157 -0.95 50.25 7.05
C ILE D 157 -1.89 49.32 7.81
N SER D 158 -3.17 49.68 7.84
CA SER D 158 -4.15 49.02 8.67
C SER D 158 -5.27 48.39 7.85
N CYS D 159 -5.65 47.18 8.24
CA CYS D 159 -6.81 46.48 7.69
C CYS D 159 -7.70 46.02 8.82
N ARG D 160 -9.01 46.10 8.61
CA ARG D 160 -10.00 45.72 9.59
C ARG D 160 -11.08 44.88 8.91
N SER D 161 -11.64 43.94 9.66
CA SER D 161 -12.63 43.02 9.12
C SER D 161 -13.96 43.19 9.85
N SER D 162 -15.01 42.55 9.32
CA SER D 162 -16.32 42.56 9.95
C SER D 162 -16.60 41.33 10.79
N LYS D 163 -15.74 40.32 10.77
CA LYS D 163 -15.79 39.22 11.72
C LYS D 163 -14.44 38.53 11.74
N SER D 164 -14.29 37.59 12.67
CA SER D 164 -12.99 36.98 12.93
C SER D 164 -12.53 36.12 11.76
N LEU D 165 -11.25 36.24 11.42
CA LEU D 165 -10.63 35.39 10.41
C LEU D 165 -9.81 34.25 11.03
N LEU D 166 -9.64 34.22 12.35
CA LEU D 166 -8.86 33.18 12.99
C LEU D 166 -9.72 31.92 13.09
N HIS D 167 -9.41 30.93 12.27
CA HIS D 167 -10.16 29.69 12.26
C HIS D 167 -9.79 28.84 13.48
N SER D 168 -10.53 27.75 13.66
CA SER D 168 -10.29 26.84 14.78
C SER D 168 -8.96 26.13 14.63
N ASN D 169 -8.60 25.75 13.39
CA ASN D 169 -7.41 24.95 13.17
C ASN D 169 -6.14 25.70 13.56
N GLY D 170 -6.18 27.02 13.57
CA GLY D 170 -5.05 27.79 14.06
C GLY D 170 -4.56 28.85 13.10
N ASN D 171 -5.01 28.79 11.85
CA ASN D 171 -4.57 29.70 10.80
C ASN D 171 -5.56 30.84 10.69
N THR D 172 -5.08 32.02 10.32
CA THR D 172 -5.93 33.13 9.95
C THR D 172 -5.62 33.55 8.51
N TYR D 173 -6.65 33.62 7.68
CA TYR D 173 -6.49 33.68 6.24
C TYR D 173 -6.48 35.13 5.76
N LEU D 174 -5.35 35.78 5.99
CA LEU D 174 -5.14 37.17 5.57
C LEU D 174 -3.96 37.24 4.62
N TYR D 175 -4.11 38.02 3.54
CA TYR D 175 -3.08 38.20 2.52
C TYR D 175 -2.84 39.67 2.26
N TRP D 176 -1.57 40.07 2.22
CA TRP D 176 -1.18 41.42 1.84
C TRP D 176 -0.43 41.36 0.52
N PHE D 177 -0.83 42.19 -0.44
CA PHE D 177 -0.03 42.26 -1.67
C PHE D 177 -0.09 43.64 -2.33
N LEU D 178 0.92 43.89 -3.15
CA LEU D 178 1.34 45.20 -3.63
C LEU D 178 1.12 45.32 -5.13
N GLN D 179 0.86 46.55 -5.57
CA GLN D 179 0.78 46.84 -6.99
C GLN D 179 1.51 48.15 -7.28
N ARG D 180 2.58 48.08 -8.06
CA ARG D 180 3.30 49.25 -8.54
C ARG D 180 2.61 49.82 -9.78
N PRO D 181 2.76 51.12 -10.05
CA PRO D 181 2.10 51.70 -11.22
C PRO D 181 2.56 51.05 -12.52
N GLY D 182 1.61 50.82 -13.42
CA GLY D 182 1.91 50.17 -14.68
C GLY D 182 2.46 48.77 -14.54
N GLN D 183 1.89 47.96 -13.66
CA GLN D 183 2.41 46.63 -13.38
C GLN D 183 1.34 45.83 -12.67
N SER D 184 1.39 44.51 -12.82
CA SER D 184 0.38 43.67 -12.19
C SER D 184 0.81 43.30 -10.77
N PRO D 185 -0.14 43.09 -9.87
CA PRO D 185 0.21 42.87 -8.46
C PRO D 185 1.04 41.62 -8.21
N GLN D 186 1.46 41.44 -6.96
CA GLN D 186 2.32 40.33 -6.60
C GLN D 186 2.18 40.09 -5.10
N LEU D 187 2.24 38.81 -4.72
CA LEU D 187 2.09 38.46 -3.32
C LEU D 187 3.23 39.04 -2.49
N LEU D 188 2.88 39.60 -1.33
CA LEU D 188 3.85 40.06 -0.33
C LEU D 188 3.85 39.20 0.92
N ILE D 189 2.68 39.06 1.54
CA ILE D 189 2.62 38.30 2.83
C ILE D 189 1.41 37.34 2.78
N TYR D 190 1.59 36.12 3.29
CA TYR D 190 0.48 35.12 3.31
C TYR D 190 0.20 34.70 4.75
N ARG D 191 -1.04 34.30 5.03
CA ARG D 191 -1.45 33.90 6.40
C ARG D 191 -1.24 35.19 7.12
N MET D 192 -0.75 35.16 8.33
CA MET D 192 -0.63 36.54 8.85
C MET D 192 0.79 37.03 8.63
N SER D 193 1.77 36.24 9.03
CA SER D 193 3.14 36.75 9.05
C SER D 193 4.09 36.13 8.04
N ASN D 194 3.66 35.21 7.21
CA ASN D 194 4.56 34.48 6.28
C ASN D 194 4.95 35.40 5.13
N LEU D 195 6.23 35.55 4.82
CA LEU D 195 6.74 36.44 3.75
C LEU D 195 6.83 35.68 2.43
N ALA D 196 6.47 36.28 1.31
CA ALA D 196 6.34 35.63 0.02
C ALA D 196 7.74 35.28 -0.50
N SER D 197 7.80 34.79 -1.74
CA SER D 197 9.04 34.26 -2.29
C SER D 197 9.78 35.37 -3.02
N GLY D 198 11.02 35.63 -2.60
CA GLY D 198 11.86 36.59 -3.28
C GLY D 198 11.53 38.04 -3.01
N VAL D 199 10.97 38.35 -1.84
CA VAL D 199 10.74 39.74 -1.44
C VAL D 199 11.75 40.11 -0.37
N PRO D 200 12.18 41.37 -0.28
CA PRO D 200 13.13 41.76 0.76
C PRO D 200 12.55 41.59 2.14
N ASP D 201 13.42 41.34 3.11
CA ASP D 201 12.99 41.12 4.48
C ASP D 201 12.64 42.41 5.21
N ARG D 202 12.51 43.53 4.50
CA ARG D 202 12.10 44.78 5.14
C ARG D 202 10.64 44.75 5.53
N PHE D 203 9.81 44.05 4.76
CA PHE D 203 8.38 43.99 5.05
C PHE D 203 8.11 43.05 6.21
N SER D 204 7.13 43.41 7.03
CA SER D 204 6.64 42.52 8.06
C SER D 204 5.17 42.80 8.29
N GLY D 205 4.48 41.84 8.91
CA GLY D 205 3.07 42.03 9.16
C GLY D 205 2.59 41.26 10.36
N SER D 206 1.53 41.72 11.01
CA SER D 206 0.99 41.02 12.17
C SER D 206 -0.40 41.55 12.47
N GLY D 207 -0.97 41.10 13.59
CA GLY D 207 -2.29 41.51 13.98
C GLY D 207 -2.95 40.50 14.90
N SER D 208 -4.23 40.68 15.16
CA SER D 208 -4.97 39.73 16.00
C SER D 208 -6.46 39.93 15.76
N GLY D 209 -7.21 38.84 15.88
CA GLY D 209 -8.65 38.93 15.85
C GLY D 209 -9.14 39.49 14.53
N THR D 210 -9.60 40.74 14.58
CA THR D 210 -10.15 41.42 13.41
C THR D 210 -9.34 42.63 12.97
N ALA D 211 -8.21 42.91 13.62
CA ALA D 211 -7.36 44.03 13.24
C ALA D 211 -6.00 43.52 12.78
N PHE D 212 -5.45 44.16 11.74
CA PHE D 212 -4.16 43.73 11.22
C PHE D 212 -3.38 44.93 10.72
N THR D 213 -2.05 44.87 10.86
CA THR D 213 -1.16 45.94 10.45
C THR D 213 0.01 45.39 9.67
N LEU D 214 0.34 46.07 8.57
CA LEU D 214 1.54 45.80 7.79
C LEU D 214 2.55 46.92 8.07
N THR D 215 3.79 46.54 8.34
CA THR D 215 4.84 47.51 8.63
C THR D 215 5.97 47.38 7.61
N ILE D 216 6.45 48.53 7.14
CA ILE D 216 7.66 48.63 6.34
C ILE D 216 8.70 49.35 7.19
N SER D 217 9.77 48.65 7.55
CA SER D 217 10.75 49.20 8.48
C SER D 217 11.65 50.22 7.78
N ARG D 218 12.37 49.78 6.76
CA ARG D 218 13.12 50.68 5.91
C ARG D 218 12.18 51.31 4.90
N LEU D 219 12.73 51.99 3.90
CA LEU D 219 11.93 52.48 2.79
C LEU D 219 12.84 52.82 1.62
N GLU D 220 12.33 52.57 0.42
CA GLU D 220 13.06 52.85 -0.81
C GLU D 220 12.12 53.51 -1.82
N ALA D 221 12.57 53.62 -3.07
CA ALA D 221 11.75 54.20 -4.13
C ALA D 221 10.96 53.15 -4.90
N GLU D 222 11.10 51.87 -4.56
CA GLU D 222 10.34 50.81 -5.20
C GLU D 222 9.11 50.39 -4.42
N ASP D 223 8.96 50.87 -3.19
CA ASP D 223 7.78 50.56 -2.40
C ASP D 223 6.58 51.42 -2.75
N VAL D 224 6.78 52.45 -3.58
CA VAL D 224 5.68 53.35 -3.93
C VAL D 224 4.66 52.61 -4.75
N GLY D 225 3.40 52.66 -4.33
CA GLY D 225 2.34 51.97 -5.03
C GLY D 225 1.12 51.81 -4.13
N VAL D 226 0.29 50.84 -4.47
CA VAL D 226 -0.96 50.60 -3.76
C VAL D 226 -0.87 49.25 -3.06
N TYR D 227 -1.51 49.16 -1.90
CA TYR D 227 -1.47 47.95 -1.07
C TYR D 227 -2.88 47.43 -0.88
N TYR D 228 -3.04 46.10 -0.85
CA TYR D 228 -4.34 45.47 -0.68
C TYR D 228 -4.27 44.36 0.36
N CYS D 229 -5.35 44.22 1.11
CA CYS D 229 -5.54 43.14 2.07
C CYS D 229 -6.76 42.32 1.66
N MET D 230 -6.61 41.00 1.65
CA MET D 230 -7.62 40.08 1.17
C MET D 230 -7.80 38.93 2.16
N GLN D 231 -9.00 38.34 2.16
CA GLN D 231 -9.35 37.25 3.06
C GLN D 231 -9.60 35.98 2.27
N HIS D 232 -9.40 34.83 2.91
CA HIS D 232 -9.64 33.54 2.27
C HIS D 232 -10.31 32.55 3.23
N LEU D 233 -11.33 32.96 3.97
CA LEU D 233 -12.09 31.98 4.74
C LEU D 233 -13.19 31.32 3.93
N GLU D 234 -13.87 32.08 3.08
CA GLU D 234 -15.02 31.52 2.39
C GLU D 234 -15.33 32.33 1.15
N TYR D 235 -15.83 31.66 0.15
CA TYR D 235 -16.17 32.32 -1.11
C TYR D 235 -17.50 33.04 -0.96
N PRO D 236 -17.64 34.26 -1.49
CA PRO D 236 -16.69 35.04 -2.29
C PRO D 236 -15.52 35.57 -1.49
N LEU D 237 -14.39 35.76 -2.16
CA LEU D 237 -13.23 36.40 -1.57
C LEU D 237 -13.30 37.89 -1.85
N THR D 238 -13.08 38.69 -0.82
CA THR D 238 -13.30 40.13 -0.87
C THR D 238 -11.98 40.85 -0.65
N PHE D 239 -11.84 42.00 -1.30
CA PHE D 239 -10.62 42.79 -1.27
C PHE D 239 -10.86 44.09 -0.53
N GLY D 240 -9.89 44.47 0.30
CA GLY D 240 -9.93 45.77 0.92
C GLY D 240 -9.74 46.85 -0.14
N ALA D 241 -10.17 48.07 0.14
CA ALA D 241 -10.04 49.15 -0.82
C ALA D 241 -8.56 49.47 -1.03
N GLY D 242 -8.29 50.31 -2.02
CA GLY D 242 -6.91 50.64 -2.33
C GLY D 242 -6.35 51.71 -1.42
N THR D 243 -5.16 51.47 -0.88
CA THR D 243 -4.41 52.48 -0.14
C THR D 243 -3.13 52.77 -0.88
N LYS D 244 -2.93 54.04 -1.24
CA LYS D 244 -1.75 54.48 -1.96
C LYS D 244 -0.69 54.99 -1.00
N LEU D 245 0.57 54.83 -1.39
CA LEU D 245 1.69 55.34 -0.62
C LEU D 245 2.58 56.14 -1.56
N GLU D 246 2.72 57.43 -1.27
CA GLU D 246 3.39 58.35 -2.17
C GLU D 246 4.76 58.73 -1.61
N LEU D 247 5.60 59.25 -2.49
CA LEU D 247 6.98 59.58 -2.15
C LEU D 247 7.19 61.08 -2.04
N PHE E 44 -63.95 -29.84 -3.59
CA PHE E 44 -62.59 -29.35 -3.70
C PHE E 44 -62.49 -28.14 -4.62
N LEU E 45 -63.35 -28.10 -5.64
CA LEU E 45 -63.31 -27.03 -6.64
C LEU E 45 -63.76 -25.74 -5.98
N GLU E 46 -62.79 -24.89 -5.62
CA GLU E 46 -63.07 -23.62 -4.99
C GLU E 46 -62.75 -22.47 -5.95
N ILE E 47 -63.01 -21.25 -5.48
CA ILE E 47 -62.91 -20.06 -6.31
C ILE E 47 -62.11 -19.02 -5.52
N ASP E 48 -60.81 -18.90 -5.83
CA ASP E 48 -60.03 -17.82 -5.22
C ASP E 48 -60.24 -16.53 -5.99
N LYS E 49 -59.77 -16.51 -7.24
CA LYS E 49 -60.12 -15.49 -8.23
C LYS E 49 -60.42 -16.18 -9.56
N LYS E 50 -60.42 -17.50 -9.58
CA LYS E 50 -60.59 -18.33 -10.76
C LYS E 50 -61.27 -19.62 -10.30
N ASN E 51 -61.24 -20.64 -11.15
CA ASN E 51 -61.84 -21.94 -10.83
C ASN E 51 -60.74 -23.00 -10.83
N CYS E 52 -60.26 -23.36 -9.64
CA CYS E 52 -59.22 -24.37 -9.55
C CYS E 52 -59.28 -25.09 -8.21
N CYS E 53 -59.07 -26.40 -8.27
CA CYS E 53 -59.17 -27.27 -7.10
C CYS E 53 -57.97 -27.12 -6.19
N VAL E 54 -58.13 -27.63 -4.96
CA VAL E 54 -57.07 -27.70 -3.97
C VAL E 54 -57.43 -28.82 -2.99
N PHE E 55 -56.41 -29.54 -2.52
CA PHE E 55 -56.61 -30.77 -1.78
C PHE E 55 -55.91 -30.69 -0.43
N ARG E 56 -56.44 -31.42 0.56
CA ARG E 56 -55.76 -31.64 1.83
C ARG E 56 -55.76 -33.14 2.10
N ASP E 57 -54.74 -33.82 1.59
CA ASP E 57 -54.64 -35.26 1.74
C ASP E 57 -54.14 -35.63 3.13
N ASP E 58 -54.63 -36.77 3.64
CA ASP E 58 -54.30 -37.20 4.99
C ASP E 58 -53.00 -38.00 4.99
N PHE E 59 -51.94 -37.42 4.42
CA PHE E 59 -50.64 -38.06 4.39
C PHE E 59 -49.48 -37.09 4.63
N ILE E 60 -49.69 -35.78 4.46
CA ILE E 60 -48.62 -34.81 4.67
C ILE E 60 -48.07 -34.90 6.09
N VAL E 61 -48.96 -34.97 7.08
CA VAL E 61 -48.55 -34.90 8.47
C VAL E 61 -47.61 -36.04 8.86
N LYS E 62 -47.83 -37.24 8.31
CA LYS E 62 -47.08 -38.40 8.77
C LYS E 62 -45.60 -38.33 8.38
N VAL E 63 -45.29 -37.80 7.20
CA VAL E 63 -43.96 -37.90 6.63
C VAL E 63 -43.27 -36.55 6.52
N LEU E 64 -44.00 -35.49 6.18
CA LEU E 64 -43.35 -34.26 5.74
C LEU E 64 -42.78 -33.43 6.89
N PRO E 65 -43.47 -33.23 8.01
CA PRO E 65 -42.88 -32.47 9.13
C PRO E 65 -41.59 -33.10 9.64
N PRO E 66 -41.48 -34.45 9.72
CA PRO E 66 -40.16 -35.00 10.06
C PRO E 66 -39.06 -34.60 9.10
N VAL E 67 -39.35 -34.58 7.79
CA VAL E 67 -38.35 -34.19 6.81
C VAL E 67 -37.93 -32.74 7.05
N LEU E 68 -38.91 -31.85 7.23
CA LEU E 68 -38.56 -30.45 7.45
C LEU E 68 -37.81 -30.25 8.77
N GLY E 69 -38.14 -31.03 9.80
CA GLY E 69 -37.40 -30.93 11.04
C GLY E 69 -35.97 -31.38 10.91
N LEU E 70 -35.73 -32.48 10.20
CA LEU E 70 -34.37 -32.93 9.95
C LEU E 70 -33.59 -31.92 9.12
N GLU E 71 -34.27 -31.25 8.18
CA GLU E 71 -33.61 -30.20 7.42
C GLU E 71 -33.28 -28.99 8.27
N PHE E 72 -34.18 -28.61 9.18
CA PHE E 72 -33.92 -27.45 10.04
C PHE E 72 -32.79 -27.72 11.02
N ILE E 73 -32.80 -28.88 11.67
CA ILE E 73 -31.83 -29.13 12.74
C ILE E 73 -30.41 -29.20 12.19
N PHE E 74 -30.24 -29.72 10.97
CA PHE E 74 -28.90 -29.86 10.42
C PHE E 74 -28.44 -28.57 9.74
N GLY E 75 -29.25 -28.03 8.84
CA GLY E 75 -28.82 -26.89 8.05
C GLY E 75 -28.55 -25.64 8.85
N LEU E 76 -29.31 -25.42 9.93
CA LEU E 76 -29.14 -24.20 10.73
C LEU E 76 -27.73 -24.10 11.29
N LEU E 77 -27.27 -25.16 11.96
CA LEU E 77 -25.94 -25.09 12.55
C LEU E 77 -24.86 -25.04 11.47
N GLY E 78 -25.10 -25.69 10.33
CA GLY E 78 -24.12 -25.64 9.26
C GLY E 78 -23.91 -24.23 8.74
N ASN E 79 -24.98 -23.61 8.24
CA ASN E 79 -24.85 -22.24 7.74
C ASN E 79 -24.46 -21.26 8.85
N GLY E 80 -24.84 -21.56 10.10
CA GLY E 80 -24.42 -20.71 11.19
C GLY E 80 -22.92 -20.74 11.41
N LEU E 81 -22.33 -21.94 11.42
CA LEU E 81 -20.89 -22.06 11.51
C LEU E 81 -20.22 -21.35 10.34
N ALA E 82 -20.79 -21.51 9.14
CA ALA E 82 -20.20 -20.89 7.97
C ALA E 82 -20.19 -19.37 8.09
N LEU E 83 -21.33 -18.78 8.40
CA LEU E 83 -21.41 -17.32 8.48
C LEU E 83 -20.59 -16.79 9.64
N TRP E 84 -20.55 -17.52 10.75
CA TRP E 84 -19.68 -17.16 11.87
C TRP E 84 -18.22 -17.12 11.44
N ILE E 85 -17.75 -18.17 10.75
CA ILE E 85 -16.33 -18.25 10.43
C ILE E 85 -15.96 -17.21 9.37
N PHE E 86 -16.92 -16.83 8.50
CA PHE E 86 -16.67 -15.67 7.66
C PHE E 86 -16.54 -14.38 8.47
N CYS E 87 -17.52 -14.09 9.32
CA CYS E 87 -17.70 -12.72 9.77
C CYS E 87 -16.69 -12.26 10.82
N PHE E 88 -16.08 -13.17 11.59
CA PHE E 88 -15.08 -12.78 12.58
C PHE E 88 -13.70 -13.35 12.31
N HIS E 89 -13.59 -14.63 11.91
CA HIS E 89 -12.33 -15.34 12.06
C HIS E 89 -11.59 -15.56 10.75
N LEU E 90 -11.84 -14.73 9.74
CA LEU E 90 -11.19 -14.88 8.44
C LEU E 90 -10.64 -13.54 8.01
N LYS E 91 -9.37 -13.52 7.61
CA LYS E 91 -8.60 -12.28 7.53
C LYS E 91 -8.44 -11.74 6.11
N SER E 92 -8.49 -12.57 5.08
CA SER E 92 -8.30 -12.12 3.71
C SER E 92 -9.55 -12.38 2.90
N TRP E 93 -9.98 -11.35 2.15
CA TRP E 93 -11.21 -11.41 1.38
C TRP E 93 -10.92 -10.92 -0.02
N LYS E 94 -11.15 -11.76 -1.02
CA LYS E 94 -10.94 -11.39 -2.42
C LYS E 94 -12.21 -11.65 -3.20
N SER E 95 -12.22 -11.24 -4.47
CA SER E 95 -13.43 -11.09 -5.25
C SER E 95 -14.29 -12.34 -5.36
N SER E 96 -13.79 -13.48 -4.92
CA SER E 96 -14.57 -14.71 -5.00
C SER E 96 -14.84 -15.36 -3.65
N ARG E 97 -14.40 -14.75 -2.55
CA ARG E 97 -14.74 -15.24 -1.23
C ARG E 97 -15.96 -14.53 -0.68
N ILE E 98 -16.47 -13.53 -1.38
CA ILE E 98 -17.71 -12.87 -0.98
C ILE E 98 -18.91 -13.38 -1.76
N PHE E 99 -18.69 -13.96 -2.94
CA PHE E 99 -19.76 -14.65 -3.66
C PHE E 99 -20.21 -15.91 -2.95
N LEU E 100 -19.40 -16.42 -2.03
CA LEU E 100 -19.85 -17.51 -1.16
C LEU E 100 -20.55 -16.99 0.08
N PHE E 101 -20.15 -15.81 0.55
CA PHE E 101 -20.83 -15.17 1.67
C PHE E 101 -22.28 -14.87 1.32
N ASN E 102 -22.50 -14.36 0.10
CA ASN E 102 -23.89 -14.11 -0.31
C ASN E 102 -24.70 -15.39 -0.35
N LEU E 103 -24.08 -16.49 -0.80
CA LEU E 103 -24.81 -17.76 -0.85
C LEU E 103 -25.12 -18.27 0.55
N ALA E 104 -24.21 -18.07 1.49
CA ALA E 104 -24.47 -18.50 2.87
C ALA E 104 -25.61 -17.71 3.50
N VAL E 105 -25.64 -16.39 3.31
CA VAL E 105 -26.75 -15.63 3.87
C VAL E 105 -28.05 -16.01 3.17
N ALA E 106 -27.99 -16.31 1.87
CA ALA E 106 -29.20 -16.55 1.10
C ALA E 106 -29.81 -17.91 1.33
N ASP E 107 -29.23 -18.78 2.16
CA ASP E 107 -29.99 -19.94 2.59
C ASP E 107 -30.14 -19.94 4.10
N PHE E 108 -29.28 -19.18 4.79
CA PHE E 108 -29.53 -18.97 6.21
C PHE E 108 -30.85 -18.25 6.44
N LEU E 109 -31.14 -17.22 5.62
CA LEU E 109 -32.41 -16.54 5.75
C LEU E 109 -33.59 -17.44 5.37
N LEU E 110 -33.32 -18.57 4.70
CA LEU E 110 -34.37 -19.49 4.28
C LEU E 110 -34.64 -20.57 5.30
N ILE E 111 -33.63 -20.98 6.07
CA ILE E 111 -33.83 -22.06 7.04
C ILE E 111 -34.72 -21.60 8.17
N ILE E 112 -34.59 -20.33 8.59
CA ILE E 112 -35.36 -19.83 9.72
C ILE E 112 -36.86 -19.87 9.43
N CYS E 113 -37.23 -19.91 8.17
CA CYS E 113 -38.64 -19.85 7.77
C CYS E 113 -39.29 -21.23 7.72
N LEU E 114 -38.58 -22.28 8.09
CA LEU E 114 -39.06 -23.65 7.97
C LEU E 114 -40.06 -24.07 9.05
N PRO E 115 -39.87 -23.74 10.33
CA PRO E 115 -40.82 -24.22 11.35
C PRO E 115 -42.23 -23.73 11.13
N PHE E 116 -42.41 -22.52 10.59
CA PHE E 116 -43.76 -22.00 10.37
C PHE E 116 -44.52 -22.86 9.38
N LEU E 117 -43.84 -23.29 8.31
CA LEU E 117 -44.45 -24.27 7.41
C LEU E 117 -44.57 -25.64 8.07
N MET E 118 -43.68 -25.97 9.00
CA MET E 118 -43.78 -27.24 9.69
C MET E 118 -45.10 -27.34 10.45
N ASP E 119 -45.42 -26.31 11.25
CA ASP E 119 -46.70 -26.26 11.92
C ASP E 119 -47.84 -26.23 10.92
N ASN E 120 -47.69 -25.45 9.85
CA ASN E 120 -48.73 -25.38 8.83
C ASN E 120 -49.08 -26.77 8.32
N TYR E 121 -48.06 -27.58 8.02
CA TYR E 121 -48.29 -28.92 7.51
C TYR E 121 -48.88 -29.83 8.58
N VAL E 122 -48.36 -29.77 9.81
CA VAL E 122 -48.83 -30.68 10.85
C VAL E 122 -50.25 -30.38 11.30
N ARG E 123 -50.71 -29.13 11.17
CA ARG E 123 -52.10 -28.78 11.47
C ARG E 123 -53.00 -28.90 10.25
N ARG E 124 -52.49 -29.39 9.12
CA ARG E 124 -53.27 -29.67 7.91
C ARG E 124 -53.96 -28.39 7.38
N TRP E 125 -53.11 -27.45 6.95
CA TRP E 125 -53.55 -26.28 6.20
C TRP E 125 -54.47 -25.37 7.03
N ASP E 126 -53.99 -25.01 8.23
CA ASP E 126 -54.69 -24.06 9.10
C ASP E 126 -53.67 -23.02 9.54
N TRP E 127 -53.79 -21.81 8.99
CA TRP E 127 -52.85 -20.73 9.25
C TRP E 127 -53.42 -19.83 10.34
N LYS E 128 -52.91 -19.97 11.56
CA LYS E 128 -53.37 -19.22 12.71
C LYS E 128 -52.53 -17.98 12.97
N PHE E 129 -51.80 -17.49 11.97
CA PHE E 129 -50.88 -16.36 12.18
C PHE E 129 -51.32 -15.10 11.45
N GLY E 130 -52.50 -15.09 10.86
CA GLY E 130 -52.99 -13.85 10.29
C GLY E 130 -52.36 -13.53 8.96
N ASP E 131 -52.73 -12.36 8.41
CA ASP E 131 -52.28 -12.00 7.08
C ASP E 131 -50.84 -11.51 7.08
N ILE E 132 -50.42 -10.80 8.12
CA ILE E 132 -49.16 -10.07 8.12
C ILE E 132 -47.97 -11.00 7.90
N PRO E 133 -47.85 -12.15 8.58
CA PRO E 133 -46.70 -13.03 8.30
C PRO E 133 -46.89 -13.89 7.07
N CYS E 134 -48.13 -14.19 6.68
CA CYS E 134 -48.38 -15.05 5.53
C CYS E 134 -47.91 -14.44 4.22
N ARG E 135 -47.68 -13.14 4.15
CA ARG E 135 -47.03 -12.56 2.98
C ARG E 135 -45.53 -12.42 3.14
N LEU E 136 -44.99 -12.72 4.32
CA LEU E 136 -43.55 -12.75 4.48
C LEU E 136 -42.98 -14.14 4.28
N MET E 137 -43.66 -15.17 4.79
CA MET E 137 -43.11 -16.51 4.76
C MET E 137 -43.46 -17.26 3.48
N LEU E 138 -44.20 -16.63 2.57
CA LEU E 138 -44.29 -17.07 1.19
C LEU E 138 -43.45 -16.20 0.27
N PHE E 139 -42.55 -15.41 0.83
CA PHE E 139 -41.68 -14.52 0.08
C PHE E 139 -40.20 -14.73 0.40
N MET E 140 -39.88 -15.04 1.65
CA MET E 140 -38.53 -15.51 1.95
C MET E 140 -38.24 -16.83 1.26
N LEU E 141 -39.25 -17.69 1.10
CA LEU E 141 -39.03 -18.98 0.46
C LEU E 141 -38.85 -18.82 -1.05
N ALA E 142 -39.61 -17.91 -1.66
CA ALA E 142 -39.56 -17.66 -3.09
C ALA E 142 -38.56 -16.60 -3.46
N MET E 143 -37.68 -16.23 -2.54
CA MET E 143 -36.61 -15.28 -2.81
C MET E 143 -35.24 -15.81 -2.43
N ASN E 144 -35.17 -16.74 -1.49
CA ASN E 144 -33.92 -17.36 -1.10
C ASN E 144 -33.66 -18.66 -1.82
N ARG E 145 -34.63 -19.13 -2.61
CA ARG E 145 -34.40 -20.27 -3.50
C ARG E 145 -33.74 -19.78 -4.76
N GLN E 146 -34.29 -18.72 -5.35
CA GLN E 146 -33.72 -18.13 -6.55
C GLN E 146 -32.39 -17.44 -6.27
N GLY E 147 -32.30 -16.72 -5.15
CA GLY E 147 -31.06 -16.10 -4.77
C GLY E 147 -30.02 -17.04 -4.23
N SER E 148 -30.34 -18.33 -4.15
CA SER E 148 -29.31 -19.34 -3.94
C SER E 148 -28.80 -19.87 -5.27
N ILE E 149 -29.68 -20.01 -6.25
CA ILE E 149 -29.27 -20.43 -7.59
C ILE E 149 -28.35 -19.40 -8.22
N ILE E 150 -28.69 -18.11 -8.07
CA ILE E 150 -27.88 -17.06 -8.70
C ILE E 150 -26.45 -17.09 -8.19
N PHE E 151 -26.26 -17.37 -6.91
CA PHE E 151 -24.92 -17.46 -6.35
C PHE E 151 -24.36 -18.86 -6.39
N LEU E 152 -25.13 -19.82 -6.89
CA LEU E 152 -24.62 -21.13 -7.27
C LEU E 152 -24.26 -21.20 -8.74
N THR E 153 -24.50 -20.11 -9.49
CA THR E 153 -24.16 -20.02 -10.90
C THR E 153 -23.11 -18.95 -11.21
N VAL E 154 -22.97 -17.93 -10.36
CA VAL E 154 -21.87 -16.99 -10.52
C VAL E 154 -20.54 -17.67 -10.25
N VAL E 155 -20.48 -18.51 -9.23
CA VAL E 155 -19.23 -19.16 -8.86
C VAL E 155 -18.73 -20.04 -9.99
N ALA E 156 -19.64 -20.75 -10.66
CA ALA E 156 -19.28 -21.66 -11.73
C ALA E 156 -19.15 -20.98 -13.07
N VAL E 157 -18.95 -19.67 -13.11
CA VAL E 157 -18.51 -18.96 -14.30
C VAL E 157 -17.21 -18.28 -13.93
N ASP E 158 -17.10 -17.93 -12.66
CA ASP E 158 -15.84 -17.51 -12.08
C ASP E 158 -14.77 -18.58 -12.33
N ARG E 159 -15.09 -19.83 -12.03
CA ARG E 159 -14.10 -20.90 -12.21
C ARG E 159 -13.71 -21.06 -13.67
N TYR E 160 -14.68 -20.97 -14.58
CA TYR E 160 -14.39 -21.09 -16.01
C TYR E 160 -13.45 -19.99 -16.47
N PHE E 161 -13.69 -18.75 -16.03
CA PHE E 161 -12.76 -17.68 -16.35
C PHE E 161 -11.47 -17.76 -15.56
N ARG E 162 -11.36 -18.67 -14.60
CA ARG E 162 -10.08 -18.83 -13.91
C ARG E 162 -9.21 -19.91 -14.53
N VAL E 163 -9.79 -20.93 -15.16
CA VAL E 163 -9.06 -22.16 -15.49
C VAL E 163 -8.90 -22.32 -17.00
N VAL E 164 -9.79 -21.76 -17.80
CA VAL E 164 -9.63 -21.86 -19.24
C VAL E 164 -9.59 -20.49 -19.90
N HIS E 165 -9.26 -19.48 -19.13
CA HIS E 165 -8.95 -18.16 -19.68
C HIS E 165 -8.08 -17.39 -18.68
N PRO E 166 -6.94 -17.91 -18.28
CA PRO E 166 -6.18 -17.26 -17.21
C PRO E 166 -5.53 -15.99 -17.72
N HIS E 167 -5.02 -15.22 -16.78
CA HIS E 167 -4.56 -13.85 -17.02
C HIS E 167 -5.49 -13.14 -18.00
N HIS E 168 -6.76 -13.11 -17.62
CA HIS E 168 -7.78 -12.27 -18.22
C HIS E 168 -7.92 -11.02 -17.35
N ALA E 169 -8.74 -10.08 -17.81
CA ALA E 169 -9.00 -8.92 -16.97
C ALA E 169 -9.92 -9.27 -15.82
N LEU E 170 -10.93 -10.08 -16.09
CA LEU E 170 -12.00 -10.34 -15.11
C LEU E 170 -11.52 -11.17 -13.92
N ASN E 171 -10.33 -11.76 -13.98
CA ASN E 171 -9.85 -12.56 -12.87
C ASN E 171 -9.22 -11.74 -11.76
N LYS E 172 -9.11 -10.42 -11.94
CA LYS E 172 -8.47 -9.56 -10.95
C LYS E 172 -9.30 -8.32 -10.67
N ILE E 173 -10.62 -8.45 -10.61
CA ILE E 173 -11.49 -7.33 -10.27
C ILE E 173 -11.39 -7.07 -8.78
N SER E 174 -11.41 -5.79 -8.39
CA SER E 174 -11.41 -5.46 -6.95
C SER E 174 -12.67 -6.02 -6.30
N ASN E 175 -12.65 -6.24 -4.98
CA ASN E 175 -13.86 -6.74 -4.26
C ASN E 175 -14.97 -5.68 -4.36
N ARG E 176 -14.59 -4.42 -4.58
CA ARG E 176 -15.59 -3.31 -4.65
C ARG E 176 -16.55 -3.55 -5.81
N THR E 177 -16.03 -3.85 -7.00
CA THR E 177 -16.91 -4.17 -8.16
C THR E 177 -17.64 -5.48 -7.85
N ALA E 178 -16.95 -6.43 -7.20
CA ALA E 178 -17.59 -7.71 -6.81
C ALA E 178 -18.75 -7.40 -5.85
N ALA E 179 -18.69 -6.24 -5.19
CA ALA E 179 -19.79 -5.83 -4.27
C ALA E 179 -20.94 -5.25 -5.11
N ILE E 180 -20.64 -4.28 -5.99
CA ILE E 180 -21.66 -3.70 -6.84
C ILE E 180 -22.45 -4.79 -7.55
N ILE E 181 -21.74 -5.81 -8.05
CA ILE E 181 -22.42 -6.88 -8.77
C ILE E 181 -23.28 -7.71 -7.82
N SER E 182 -22.81 -7.93 -6.59
CA SER E 182 -23.62 -8.62 -5.60
C SER E 182 -24.89 -7.83 -5.30
N CYS E 183 -24.77 -6.51 -5.17
CA CYS E 183 -25.94 -5.70 -4.86
C CYS E 183 -26.92 -5.68 -6.02
N LEU E 184 -26.42 -5.64 -7.25
CA LEU E 184 -27.32 -5.68 -8.39
C LEU E 184 -28.00 -7.04 -8.53
N LEU E 185 -27.30 -8.13 -8.18
CA LEU E 185 -27.94 -9.44 -8.22
C LEU E 185 -29.04 -9.56 -7.16
N TRP E 186 -28.73 -9.15 -5.92
CA TRP E 186 -29.75 -9.06 -4.88
C TRP E 186 -30.92 -8.16 -5.26
N GLY E 187 -30.69 -7.14 -6.08
CA GLY E 187 -31.77 -6.31 -6.54
C GLY E 187 -32.63 -6.95 -7.62
N ILE E 188 -31.98 -7.66 -8.54
CA ILE E 188 -32.70 -8.21 -9.69
C ILE E 188 -33.42 -9.49 -9.30
N THR E 189 -33.01 -10.13 -8.20
CA THR E 189 -33.80 -11.24 -7.69
C THR E 189 -35.05 -10.72 -6.96
N ILE E 190 -34.93 -9.58 -6.28
CA ILE E 190 -36.08 -9.01 -5.59
C ILE E 190 -37.09 -8.45 -6.58
N GLY E 191 -36.61 -7.79 -7.63
CA GLY E 191 -37.52 -7.22 -8.61
C GLY E 191 -38.39 -8.20 -9.36
N LEU E 192 -38.23 -9.50 -9.12
CA LEU E 192 -38.99 -10.53 -9.82
C LEU E 192 -40.06 -11.18 -8.96
N THR E 193 -40.05 -10.96 -7.65
CA THR E 193 -40.93 -11.70 -6.76
C THR E 193 -41.62 -10.79 -5.75
N VAL E 194 -41.57 -9.47 -5.94
CA VAL E 194 -42.28 -8.56 -5.05
C VAL E 194 -43.79 -8.65 -5.20
N HIS E 195 -44.28 -9.27 -6.28
CA HIS E 195 -45.73 -9.32 -6.47
C HIS E 195 -46.40 -10.36 -5.60
N LEU E 196 -45.66 -11.04 -4.73
CA LEU E 196 -46.29 -11.92 -3.76
C LEU E 196 -46.67 -11.18 -2.48
N LEU E 197 -46.02 -10.04 -2.23
CA LEU E 197 -46.32 -9.27 -1.03
C LEU E 197 -47.66 -8.54 -1.14
N LYS E 198 -47.96 -7.98 -2.31
CA LYS E 198 -49.14 -7.14 -2.45
C LYS E 198 -50.37 -8.00 -2.74
N LYS E 199 -50.74 -8.77 -1.72
CA LYS E 199 -51.88 -9.68 -1.86
C LYS E 199 -52.42 -10.03 -0.48
N LYS E 200 -53.74 -10.16 -0.41
CA LYS E 200 -54.42 -10.62 0.80
C LYS E 200 -54.44 -12.14 0.71
N MET E 201 -53.44 -12.76 1.30
CA MET E 201 -53.11 -14.16 1.00
C MET E 201 -54.04 -15.18 1.65
N PRO E 202 -54.31 -15.11 2.97
CA PRO E 202 -55.10 -16.20 3.60
C PRO E 202 -56.45 -16.39 2.97
N ILE E 203 -56.69 -17.58 2.42
CA ILE E 203 -57.89 -17.88 1.64
C ILE E 203 -58.81 -18.76 2.46
N GLN E 204 -60.10 -18.44 2.44
CA GLN E 204 -61.10 -19.28 3.08
C GLN E 204 -61.38 -20.51 2.21
N ASN E 205 -61.15 -21.69 2.78
CA ASN E 205 -61.40 -22.95 2.11
C ASN E 205 -62.72 -23.53 2.60
N GLY E 206 -63.69 -22.64 2.84
CA GLY E 206 -64.91 -23.04 3.52
C GLY E 206 -64.77 -22.87 5.02
N GLY E 207 -63.97 -23.74 5.63
CA GLY E 207 -63.75 -23.67 7.07
C GLY E 207 -62.30 -23.48 7.47
N ALA E 208 -61.39 -23.61 6.51
CA ALA E 208 -59.96 -23.57 6.82
C ALA E 208 -59.29 -22.36 6.19
N ASN E 209 -58.06 -22.11 6.62
CA ASN E 209 -57.23 -21.01 6.10
C ASN E 209 -55.90 -21.58 5.63
N LEU E 210 -55.68 -21.57 4.33
CA LEU E 210 -54.44 -22.06 3.75
C LEU E 210 -53.53 -20.89 3.39
N CYS E 211 -52.23 -21.10 3.61
CA CYS E 211 -51.20 -20.10 3.29
C CYS E 211 -50.18 -20.80 2.40
N SER E 212 -50.51 -20.92 1.11
CA SER E 212 -49.62 -21.61 0.14
C SER E 212 -49.70 -20.92 -1.22
N SER E 213 -48.55 -20.59 -1.81
CA SER E 213 -48.49 -19.89 -3.08
C SER E 213 -48.71 -20.77 -4.28
N PHE E 214 -48.64 -22.10 -4.12
CA PHE E 214 -48.76 -23.02 -5.24
C PHE E 214 -50.11 -23.70 -5.24
N SER E 215 -50.75 -23.69 -6.41
CA SER E 215 -52.07 -24.31 -6.56
C SER E 215 -52.28 -24.74 -8.00
N ILE E 216 -53.06 -25.80 -8.20
CA ILE E 216 -53.30 -26.32 -9.54
C ILE E 216 -54.44 -25.52 -10.17
N CYS E 217 -54.10 -24.46 -10.89
CA CYS E 217 -55.09 -23.61 -11.53
C CYS E 217 -54.85 -23.50 -13.03
N HIS E 218 -55.95 -23.58 -13.79
CA HIS E 218 -55.86 -23.73 -15.23
C HIS E 218 -55.44 -22.44 -15.92
N THR E 219 -55.51 -21.32 -15.23
CA THR E 219 -55.11 -20.06 -15.85
C THR E 219 -53.59 -19.96 -15.93
N PHE E 220 -53.13 -18.92 -16.62
CA PHE E 220 -51.71 -18.62 -16.73
C PHE E 220 -51.29 -17.61 -15.65
N GLN E 221 -50.04 -17.73 -15.22
CA GLN E 221 -49.49 -16.80 -14.24
C GLN E 221 -47.97 -16.81 -14.35
N TRP E 222 -47.35 -15.75 -13.86
CA TRP E 222 -45.90 -15.59 -14.01
C TRP E 222 -45.14 -16.56 -13.12
N HIS E 223 -45.58 -16.71 -11.88
CA HIS E 223 -44.86 -17.47 -10.87
C HIS E 223 -44.51 -18.86 -11.40
N GLU E 224 -45.46 -19.47 -12.08
CA GLU E 224 -45.27 -20.83 -12.58
C GLU E 224 -44.02 -20.94 -13.44
N ALA E 225 -43.78 -19.94 -14.29
CA ALA E 225 -42.60 -19.96 -15.15
C ALA E 225 -41.30 -19.78 -14.38
N MET E 226 -41.33 -18.99 -13.32
CA MET E 226 -40.11 -18.66 -12.59
C MET E 226 -39.56 -19.90 -11.89
N PHE E 227 -40.42 -20.90 -11.70
CA PHE E 227 -40.00 -22.16 -11.10
C PHE E 227 -39.28 -23.05 -12.09
N LEU E 228 -39.48 -22.82 -13.40
CA LEU E 228 -38.77 -23.53 -14.46
C LEU E 228 -37.53 -22.78 -14.92
N LEU E 229 -37.68 -21.52 -15.33
CA LEU E 229 -36.57 -20.71 -15.85
C LEU E 229 -35.41 -20.61 -14.88
N GLU E 230 -35.58 -21.06 -13.64
CA GLU E 230 -34.48 -21.18 -12.71
C GLU E 230 -33.82 -22.54 -12.77
N PHE E 231 -34.26 -23.42 -13.67
CA PHE E 231 -33.62 -24.72 -13.82
C PHE E 231 -32.88 -24.88 -15.14
N PHE E 232 -33.55 -24.70 -16.27
CA PHE E 232 -32.95 -25.04 -17.56
C PHE E 232 -31.79 -24.16 -17.94
N LEU E 233 -31.84 -22.86 -17.64
CA LEU E 233 -30.80 -21.96 -18.09
C LEU E 233 -29.55 -22.08 -17.20
N PRO E 234 -29.69 -22.03 -15.87
CA PRO E 234 -28.52 -22.31 -15.05
C PRO E 234 -27.95 -23.68 -15.27
N LEU E 235 -28.77 -24.66 -15.64
CA LEU E 235 -28.24 -25.99 -15.94
C LEU E 235 -27.33 -25.95 -17.15
N GLY E 236 -27.76 -25.26 -18.21
CA GLY E 236 -26.90 -25.09 -19.36
C GLY E 236 -25.60 -24.41 -19.01
N ILE E 237 -25.67 -23.33 -18.22
CA ILE E 237 -24.46 -22.60 -17.85
C ILE E 237 -23.52 -23.50 -17.07
N ILE E 238 -24.05 -24.22 -16.07
CA ILE E 238 -23.20 -25.05 -15.23
C ILE E 238 -22.58 -26.18 -16.04
N LEU E 239 -23.37 -26.84 -16.91
CA LEU E 239 -22.82 -27.94 -17.69
C LEU E 239 -21.73 -27.45 -18.63
N PHE E 240 -21.97 -26.36 -19.36
CA PHE E 240 -20.95 -25.89 -20.29
C PHE E 240 -19.67 -25.50 -19.56
N CYS E 241 -19.79 -24.75 -18.47
CA CYS E 241 -18.60 -24.33 -17.73
C CYS E 241 -17.86 -25.53 -17.14
N SER E 242 -18.58 -26.48 -16.55
CA SER E 242 -17.94 -27.58 -15.86
C SER E 242 -17.58 -28.72 -16.79
N ALA E 243 -17.86 -28.60 -18.09
CA ALA E 243 -17.25 -29.50 -19.05
C ALA E 243 -16.04 -28.85 -19.71
N ARG E 244 -16.13 -27.55 -19.99
CA ARG E 244 -15.00 -26.88 -20.61
C ARG E 244 -13.82 -26.76 -19.66
N ILE E 245 -14.07 -26.62 -18.36
CA ILE E 245 -12.98 -26.65 -17.40
C ILE E 245 -12.32 -28.02 -17.39
N ILE E 246 -13.13 -29.07 -17.43
CA ILE E 246 -12.64 -30.43 -17.27
C ILE E 246 -11.82 -30.87 -18.47
N TRP E 247 -12.29 -30.52 -19.68
CA TRP E 247 -11.55 -30.95 -20.87
C TRP E 247 -10.25 -30.19 -21.04
N SER E 248 -10.22 -28.90 -20.72
CA SER E 248 -9.02 -28.08 -20.84
C SER E 248 -8.20 -28.06 -19.56
N LEU E 249 -8.30 -29.12 -18.76
CA LEU E 249 -7.40 -29.35 -17.63
C LEU E 249 -6.77 -30.73 -17.72
N ARG E 250 -7.06 -31.48 -18.78
CA ARG E 250 -6.32 -32.68 -19.11
C ARG E 250 -5.69 -32.59 -20.50
N GLN E 251 -6.16 -31.70 -21.36
CA GLN E 251 -5.48 -31.38 -22.61
C GLN E 251 -4.19 -30.62 -22.37
N ARG E 252 -4.08 -29.90 -21.26
CA ARG E 252 -2.81 -29.31 -20.84
C ARG E 252 -1.89 -30.35 -20.22
N GLN E 253 -2.29 -31.61 -20.18
CA GLN E 253 -1.60 -32.65 -19.41
C GLN E 253 -1.20 -32.15 -18.03
N MET E 254 -2.07 -31.38 -17.40
CA MET E 254 -1.90 -30.96 -16.01
C MET E 254 -2.58 -31.92 -15.05
N ASP E 255 -3.42 -32.82 -15.57
CA ASP E 255 -4.12 -33.81 -14.76
C ASP E 255 -3.19 -34.98 -14.43
N ARG E 256 -2.04 -34.63 -13.86
CA ARG E 256 -1.15 -35.62 -13.26
C ARG E 256 -0.91 -35.38 -11.78
N HIS E 257 -1.05 -34.15 -11.30
CA HIS E 257 -0.81 -33.83 -9.91
C HIS E 257 -1.95 -34.38 -9.05
N ALA E 258 -1.69 -34.52 -7.75
CA ALA E 258 -2.66 -35.14 -6.86
C ALA E 258 -3.77 -34.15 -6.46
N LYS E 259 -3.39 -32.90 -6.22
CA LYS E 259 -4.34 -31.90 -5.73
C LYS E 259 -5.23 -31.38 -6.84
N ILE E 260 -4.93 -31.76 -8.08
CA ILE E 260 -5.71 -31.31 -9.23
C ILE E 260 -6.45 -32.45 -9.91
N LYS E 261 -6.45 -33.64 -9.30
CA LYS E 261 -7.43 -34.66 -9.66
C LYS E 261 -8.59 -34.71 -8.67
N ARG E 262 -8.40 -34.17 -7.47
CA ARG E 262 -9.53 -34.01 -6.52
C ARG E 262 -10.41 -32.84 -6.96
N ALA E 263 -9.83 -31.76 -7.46
CA ALA E 263 -10.65 -30.61 -7.79
C ALA E 263 -11.53 -31.01 -8.95
N ILE E 264 -11.07 -31.85 -9.85
CA ILE E 264 -11.96 -32.17 -10.99
C ILE E 264 -13.20 -32.87 -10.45
N THR E 265 -13.06 -33.80 -9.51
CA THR E 265 -14.24 -34.44 -8.85
C THR E 265 -15.13 -33.44 -8.12
N PHE E 266 -14.53 -32.43 -7.46
CA PHE E 266 -15.32 -31.42 -6.72
C PHE E 266 -16.28 -30.72 -7.69
N ILE E 267 -15.77 -30.31 -8.85
CA ILE E 267 -16.61 -29.59 -9.85
C ILE E 267 -17.81 -30.46 -10.21
N MET E 268 -17.57 -31.75 -10.45
CA MET E 268 -18.66 -32.69 -10.82
C MET E 268 -19.68 -32.78 -9.68
N VAL E 269 -19.21 -32.81 -8.44
CA VAL E 269 -20.12 -32.95 -7.26
C VAL E 269 -21.11 -31.79 -7.28
N VAL E 270 -20.65 -30.58 -7.59
CA VAL E 270 -21.54 -29.38 -7.57
C VAL E 270 -22.64 -29.54 -8.62
N ALA E 271 -22.30 -30.01 -9.83
CA ALA E 271 -23.30 -30.10 -10.92
C ALA E 271 -24.29 -31.24 -10.67
N ILE E 272 -23.82 -32.40 -10.21
CA ILE E 272 -24.73 -33.59 -10.06
C ILE E 272 -25.86 -33.28 -9.07
N VAL E 273 -25.56 -32.61 -7.95
CA VAL E 273 -26.60 -32.35 -6.91
C VAL E 273 -27.70 -31.47 -7.51
N PHE E 274 -27.34 -30.51 -8.37
CA PHE E 274 -28.33 -29.56 -8.94
C PHE E 274 -29.47 -30.34 -9.61
N VAL E 275 -29.15 -31.46 -10.26
CA VAL E 275 -30.18 -32.21 -10.99
C VAL E 275 -30.75 -33.33 -10.17
N ILE E 276 -30.30 -33.52 -8.93
CA ILE E 276 -30.90 -34.49 -8.03
C ILE E 276 -31.86 -33.82 -7.06
N CYS E 277 -31.54 -32.59 -6.64
CA CYS E 277 -32.41 -31.84 -5.75
C CYS E 277 -33.51 -31.09 -6.50
N PHE E 278 -33.13 -30.20 -7.42
CA PHE E 278 -34.08 -29.32 -8.08
C PHE E 278 -34.87 -30.00 -9.20
N LEU E 279 -34.47 -31.18 -9.64
CA LEU E 279 -35.13 -31.80 -10.78
C LEU E 279 -36.45 -32.49 -10.46
N PRO E 280 -36.55 -33.30 -9.40
CA PRO E 280 -37.81 -34.04 -9.19
C PRO E 280 -39.04 -33.14 -9.10
N SER E 281 -38.92 -31.95 -8.54
CA SER E 281 -40.07 -31.06 -8.42
C SER E 281 -40.47 -30.42 -9.74
N VAL E 282 -39.63 -30.45 -10.75
CA VAL E 282 -39.93 -29.84 -12.05
C VAL E 282 -40.69 -30.80 -12.95
N VAL E 283 -40.30 -32.07 -12.98
CA VAL E 283 -40.98 -33.05 -13.83
C VAL E 283 -42.42 -33.26 -13.35
N VAL E 284 -42.65 -33.15 -12.05
CA VAL E 284 -44.02 -33.29 -11.55
C VAL E 284 -44.90 -32.14 -12.01
N ARG E 285 -44.39 -30.92 -12.00
CA ARG E 285 -45.17 -29.77 -12.52
C ARG E 285 -45.30 -29.91 -14.03
N ILE E 286 -44.34 -30.58 -14.68
CA ILE E 286 -44.53 -30.88 -16.10
C ILE E 286 -45.72 -31.82 -16.29
N ARG E 287 -45.81 -32.85 -15.45
CA ARG E 287 -47.00 -33.70 -15.43
C ARG E 287 -48.25 -32.87 -15.24
N ILE E 288 -48.20 -31.89 -14.33
CA ILE E 288 -49.36 -31.06 -14.05
C ILE E 288 -49.77 -30.30 -15.30
N PHE E 289 -48.81 -29.67 -15.97
CA PHE E 289 -49.09 -29.00 -17.23
C PHE E 289 -49.73 -29.95 -18.23
N TRP E 290 -49.22 -31.17 -18.33
CA TRP E 290 -49.72 -32.11 -19.32
C TRP E 290 -51.16 -32.57 -19.03
N LEU E 291 -51.44 -32.91 -17.77
CA LEU E 291 -52.82 -33.25 -17.40
C LEU E 291 -53.75 -32.07 -17.61
N LEU E 292 -53.29 -30.86 -17.32
CA LEU E 292 -54.11 -29.68 -17.62
C LEU E 292 -54.41 -29.59 -19.11
N HIS E 293 -53.41 -29.85 -19.95
CA HIS E 293 -53.61 -29.81 -21.39
C HIS E 293 -54.57 -30.89 -21.86
N THR E 294 -54.47 -32.09 -21.31
CA THR E 294 -55.24 -33.22 -21.82
C THR E 294 -56.74 -33.07 -21.56
N SER E 295 -57.11 -32.65 -20.35
CA SER E 295 -58.51 -32.62 -19.97
C SER E 295 -58.75 -31.43 -19.05
N GLY E 296 -60.02 -31.07 -18.90
CA GLY E 296 -60.37 -29.92 -18.08
C GLY E 296 -60.11 -30.16 -16.60
N THR E 297 -59.97 -29.05 -15.87
CA THR E 297 -59.70 -29.10 -14.45
C THR E 297 -60.92 -29.50 -13.63
N GLN E 298 -62.12 -29.39 -14.20
CA GLN E 298 -63.35 -29.57 -13.44
C GLN E 298 -63.38 -30.88 -12.67
N ASN E 299 -63.07 -32.00 -13.34
CA ASN E 299 -62.98 -33.30 -12.69
C ASN E 299 -61.58 -33.45 -12.11
N CYS E 300 -61.31 -32.72 -11.02
CA CYS E 300 -59.98 -32.74 -10.43
C CYS E 300 -59.71 -34.01 -9.62
N GLU E 301 -60.62 -34.99 -9.66
CA GLU E 301 -60.38 -36.26 -9.00
C GLU E 301 -59.13 -36.94 -9.55
N VAL E 302 -58.71 -36.55 -10.77
CA VAL E 302 -57.49 -37.10 -11.34
C VAL E 302 -56.27 -36.67 -10.55
N TYR E 303 -56.27 -35.44 -10.03
CA TYR E 303 -55.10 -34.88 -9.38
C TYR E 303 -54.91 -35.32 -7.94
N ARG E 304 -55.55 -36.39 -7.50
CA ARG E 304 -55.48 -36.74 -6.05
C ARG E 304 -54.06 -37.13 -5.65
N SER E 305 -53.26 -37.59 -6.60
CA SER E 305 -51.93 -38.09 -6.24
C SER E 305 -50.80 -37.14 -6.65
N VAL E 306 -51.03 -36.31 -7.67
CA VAL E 306 -49.94 -35.51 -8.22
C VAL E 306 -49.49 -34.45 -7.23
N ASP E 307 -50.44 -33.79 -6.56
CA ASP E 307 -50.06 -32.74 -5.61
C ASP E 307 -49.47 -33.32 -4.34
N LEU E 308 -49.98 -34.48 -3.91
CA LEU E 308 -49.36 -35.22 -2.82
C LEU E 308 -47.89 -35.47 -3.11
N ALA E 309 -47.60 -35.91 -4.34
CA ALA E 309 -46.21 -36.10 -4.74
C ALA E 309 -45.45 -34.78 -4.75
N PHE E 310 -46.08 -33.74 -5.28
CA PHE E 310 -45.40 -32.47 -5.48
C PHE E 310 -44.94 -31.88 -4.16
N PHE E 311 -45.73 -32.03 -3.11
CA PHE E 311 -45.37 -31.34 -1.87
C PHE E 311 -44.25 -32.05 -1.12
N ILE E 312 -43.82 -33.23 -1.57
CA ILE E 312 -42.55 -33.78 -1.09
C ILE E 312 -41.43 -33.50 -2.09
N THR E 313 -41.74 -33.56 -3.39
CA THR E 313 -40.71 -33.24 -4.38
C THR E 313 -40.21 -31.81 -4.21
N LEU E 314 -41.02 -30.95 -3.60
CA LEU E 314 -40.60 -29.57 -3.37
C LEU E 314 -39.83 -29.45 -2.07
N SER E 315 -40.13 -30.30 -1.09
CA SER E 315 -39.30 -30.36 0.11
C SER E 315 -37.95 -30.97 -0.20
N PHE E 316 -37.82 -31.63 -1.35
CA PHE E 316 -36.51 -32.05 -1.81
C PHE E 316 -35.58 -30.87 -2.01
N THR E 317 -36.12 -29.72 -2.41
CA THR E 317 -35.28 -28.57 -2.74
C THR E 317 -34.43 -28.08 -1.57
N TYR E 318 -34.99 -28.03 -0.36
CA TYR E 318 -34.30 -27.39 0.76
C TYR E 318 -33.06 -28.17 1.18
N MET E 319 -32.93 -29.40 0.67
CA MET E 319 -31.74 -30.22 1.00
C MET E 319 -30.50 -29.50 0.48
N ASN E 320 -30.64 -28.74 -0.61
CA ASN E 320 -29.49 -28.01 -1.20
C ASN E 320 -28.81 -27.16 -0.13
N SER E 321 -29.59 -26.39 0.62
CA SER E 321 -29.03 -25.51 1.69
C SER E 321 -28.34 -26.39 2.74
N MET E 322 -28.99 -27.48 3.15
CA MET E 322 -28.43 -28.38 4.19
C MET E 322 -27.14 -29.02 3.66
N LEU E 323 -27.12 -29.41 2.38
CA LEU E 323 -25.93 -30.08 1.78
C LEU E 323 -25.06 -29.03 1.10
N ASP E 324 -25.35 -27.74 1.32
CA ASP E 324 -24.52 -26.66 0.72
C ASP E 324 -23.14 -26.69 1.38
N PRO E 325 -22.98 -26.27 2.67
CA PRO E 325 -21.65 -26.19 3.30
C PRO E 325 -20.90 -27.51 3.34
N VAL E 326 -21.35 -28.55 2.63
CA VAL E 326 -20.54 -29.76 2.62
C VAL E 326 -19.66 -29.80 1.38
N VAL E 327 -20.01 -29.08 0.32
CA VAL E 327 -19.22 -29.08 -0.91
C VAL E 327 -18.69 -27.70 -1.28
N TYR E 328 -18.80 -26.71 -0.40
CA TYR E 328 -18.32 -25.38 -0.73
C TYR E 328 -17.39 -24.75 0.30
N TYR E 329 -17.59 -24.97 1.60
CA TYR E 329 -16.84 -24.22 2.60
C TYR E 329 -15.82 -25.09 3.34
N PHE E 330 -16.25 -26.16 4.00
CA PHE E 330 -15.31 -26.94 4.79
C PHE E 330 -14.54 -27.95 3.93
N SER E 331 -15.09 -28.34 2.79
CA SER E 331 -14.42 -29.29 1.89
C SER E 331 -13.45 -28.54 0.99
N SER E 332 -12.43 -27.97 1.62
CA SER E 332 -11.41 -27.19 0.92
C SER E 332 -10.04 -27.37 1.54
O3 AW9 F . -41.58 -21.37 -1.67
C4 AW9 F . -41.86 -22.58 -1.52
O2 AW9 F . -40.95 -23.45 -1.59
C3 AW9 F . -43.31 -23.00 -1.26
C2 AW9 F . -43.80 -22.95 -0.05
C1 AW9 F . -45.25 -23.37 0.18
O1 AW9 F . -46.13 -22.77 -0.33
O AW9 F . -45.54 -24.47 0.98
C AW9 F . -46.86 -24.51 1.42
C1 CLR G . -30.36 -16.59 -13.78
C2 CLR G . -31.85 -16.86 -14.08
C3 CLR G . -32.69 -15.63 -13.87
C4 CLR G . -32.15 -14.49 -14.71
C5 CLR G . -30.70 -14.22 -14.40
C6 CLR G . -30.29 -13.03 -13.98
C7 CLR G . -28.87 -12.61 -13.86
C8 CLR G . -27.90 -13.65 -14.39
C9 CLR G . -28.36 -15.06 -13.98
C10 CLR G . -29.75 -15.41 -14.56
C11 CLR G . -27.30 -16.13 -14.29
C12 CLR G . -25.90 -15.77 -13.80
C13 CLR G . -25.46 -14.43 -14.38
C14 CLR G . -26.49 -13.41 -13.89
C15 CLR G . -25.85 -12.04 -14.14
C16 CLR G . -24.34 -12.30 -14.16
C17 CLR G . -24.15 -13.81 -13.84
C18 CLR G . -25.42 -14.49 -15.91
C19 CLR G . -29.68 -15.75 -16.06
C20 CLR G . -22.79 -14.33 -14.34
C21 CLR G . -22.23 -15.46 -13.49
C22 CLR G . -21.78 -13.18 -14.47
C23 CLR G . -20.83 -13.04 -13.33
C24 CLR G . -19.47 -12.59 -13.77
C25 CLR G . -18.43 -12.44 -12.68
C26 CLR G . -18.74 -11.26 -11.78
C27 CLR G . -18.32 -13.71 -11.85
O1 CLR G . -34.05 -15.90 -14.20
#